data_2XNS
#
_entry.id   2XNS
#
_cell.length_a   265.261
_cell.length_b   265.261
_cell.length_c   265.261
_cell.angle_alpha   90.00
_cell.angle_beta   90.00
_cell.angle_gamma   90.00
#
_symmetry.space_group_name_H-M   'I 2 3'
#
loop_
_entity.id
_entity.type
_entity.pdbx_description
1 polymer 'GUANINE NUCLEOTIDE-BINDING PROTEIN G(I) SUBUNIT ALPHA-1'
2 polymer 'REGULATOR OF G-PROTEIN SIGNALING 14'
3 non-polymer "GUANOSINE-5'-DIPHOSPHATE"
4 non-polymer 'S,R MESO-TARTARIC ACID'
5 non-polymer 'SULFATE ION'
6 water water
#
loop_
_entity_poly.entity_id
_entity_poly.type
_entity_poly.pdbx_seq_one_letter_code
_entity_poly.pdbx_strand_id
1 'polypeptide(L)'
;SNAAREVKLLLLGAGESGKSTIVKQMKIIHEAGYSEEECKQYKAVVYSNTIQSIIAIIRAMGRLKIDFGDSARADDARQL
FVLAGAAEEGFMTAELAGVIKRLWKDSGVQACFNRSREYQLNDSAAYYLNDLDRIAQPNYIPTQQDVLRTRVKTTGIVET
HFTFKDLHFKMFDVGGQRSERKKWIHCFEGVTAIIFCVALSDYDLVLAEDEEMNRMHESMKLFDSICNNKWFTDTSIILF
LNKKDLFEEKIKKSPLTICYPEYAGSNTYEEAAAYIQCQFEDLNKRKDTKEIYTHFTCATDTKNVQFVFDAVTDVIIKNN
LKDCGLF
;
A,B
2 'polypeptide(L)' DIEGLVELLNRVQSSGAHDQRGLLSNEEVFRALRDFDRWF C,D
#
loop_
_chem_comp.id
_chem_comp.type
_chem_comp.name
_chem_comp.formula
GDP RNA linking GUANOSINE-5'-DIPHOSPHATE 'C10 H15 N5 O11 P2'
SO4 non-polymer 'SULFATE ION' 'O4 S -2'
SRT non-polymer 'S,R MESO-TARTARIC ACID' 'C4 H6 O6'
#
# COMPACT_ATOMS: atom_id res chain seq x y z
N ARG A 5 -3.76 34.44 9.72
CA ARG A 5 -3.90 34.13 11.18
C ARG A 5 -2.80 33.18 11.68
N GLU A 6 -3.00 32.62 12.87
CA GLU A 6 -1.99 31.81 13.55
C GLU A 6 -2.56 30.46 13.98
N VAL A 7 -1.86 29.37 13.64
CA VAL A 7 -2.35 28.02 13.91
C VAL A 7 -1.40 27.24 14.82
N LYS A 8 -1.93 26.75 15.94
CA LYS A 8 -1.16 25.95 16.91
C LYS A 8 -1.52 24.47 16.80
N LEU A 9 -0.52 23.63 16.54
CA LEU A 9 -0.70 22.19 16.48
C LEU A 9 0.02 21.48 17.60
N LEU A 10 -0.68 20.60 18.31
CA LEU A 10 -0.08 19.80 19.36
C LEU A 10 -0.03 18.32 19.00
N LEU A 11 1.18 17.80 18.83
CA LEU A 11 1.38 16.37 18.62
C LEU A 11 1.24 15.62 19.93
N LEU A 12 0.49 14.53 19.90
CA LEU A 12 0.31 13.66 21.06
C LEU A 12 0.37 12.19 20.63
N GLY A 13 0.43 11.30 21.62
CA GLY A 13 0.43 9.87 21.36
C GLY A 13 1.54 9.11 22.05
N ALA A 14 1.42 7.79 22.07
CA ALA A 14 2.37 6.92 22.75
C ALA A 14 3.81 7.14 22.28
N GLY A 15 4.76 6.91 23.17
CA GLY A 15 6.17 6.95 22.81
C GLY A 15 6.43 5.92 21.73
N GLU A 16 7.21 6.30 20.72
CA GLU A 16 7.52 5.47 19.56
C GLU A 16 6.27 5.26 18.70
N SER A 17 5.74 6.37 18.17
CA SER A 17 4.55 6.35 17.32
C SER A 17 4.72 7.16 16.04
N GLY A 18 5.36 8.33 16.14
CA GLY A 18 5.63 9.15 14.97
C GLY A 18 5.89 10.61 15.28
N LYS A 19 5.49 11.03 16.49
CA LYS A 19 5.49 12.45 16.89
C LYS A 19 6.73 13.24 16.49
N SER A 20 7.91 12.75 16.89
CA SER A 20 9.16 13.47 16.64
C SER A 20 9.65 13.33 15.19
N THR A 21 9.16 12.32 14.48
CA THR A 21 9.44 12.19 13.06
C THR A 21 8.64 13.22 12.26
N ILE A 22 7.36 13.35 12.59
CA ILE A 22 6.48 14.36 11.97
C ILE A 22 7.07 15.77 12.04
N VAL A 23 7.55 16.17 13.21
CA VAL A 23 8.17 17.49 13.41
C VAL A 23 9.36 17.68 12.48
N LYS A 24 10.20 16.65 12.39
CA LYS A 24 11.35 16.68 11.49
C LYS A 24 10.90 16.77 10.04
N GLN A 25 9.78 16.12 9.73
CA GLN A 25 9.23 16.13 8.37
C GLN A 25 8.77 17.52 7.97
N MET A 26 8.22 18.27 8.92
CA MET A 26 7.81 19.65 8.66
C MET A 26 8.99 20.51 8.25
N LYS A 27 10.15 20.26 8.88
CA LYS A 27 11.38 20.96 8.54
C LYS A 27 11.84 20.61 7.13
N ILE A 28 11.71 19.34 6.75
CA ILE A 28 12.11 18.87 5.42
C ILE A 28 11.19 19.40 4.31
N ILE A 29 9.90 19.49 4.61
CA ILE A 29 8.90 19.89 3.62
C ILE A 29 8.71 21.41 3.56
N HIS A 30 8.38 22.01 4.69
CA HIS A 30 7.96 23.42 4.71
C HIS A 30 9.04 24.41 5.19
N GLU A 31 10.22 23.89 5.48
CA GLU A 31 11.38 24.73 5.80
C GLU A 31 12.50 24.38 4.82
N ALA A 32 13.70 24.91 5.07
CA ALA A 32 14.83 24.67 4.17
C ALA A 32 15.27 23.20 4.14
N GLY A 33 14.88 22.46 5.17
CA GLY A 33 15.33 21.09 5.32
C GLY A 33 16.57 21.05 6.20
N TYR A 34 17.50 20.15 5.87
CA TYR A 34 18.73 20.01 6.63
C TYR A 34 19.94 20.30 5.76
N SER A 35 20.73 21.30 6.16
CA SER A 35 21.96 21.67 5.44
C SER A 35 23.04 20.61 5.63
N GLU A 36 23.98 20.56 4.69
CA GLU A 36 25.14 19.66 4.77
C GLU A 36 25.92 19.90 6.08
N GLU A 37 25.99 21.16 6.49
CA GLU A 37 26.59 21.56 7.76
C GLU A 37 25.84 20.94 8.95
N GLU A 38 24.52 20.93 8.89
CA GLU A 38 23.68 20.34 9.92
C GLU A 38 23.68 18.82 9.85
N CYS A 39 23.96 18.27 8.67
CA CYS A 39 24.01 16.82 8.49
C CYS A 39 25.23 16.20 9.16
N LYS A 40 26.38 16.88 9.04
CA LYS A 40 27.62 16.47 9.69
C LYS A 40 27.44 16.23 11.18
N GLN A 41 26.64 17.10 11.81
CA GLN A 41 26.32 17.02 13.24
C GLN A 41 25.80 15.63 13.64
N TYR A 42 24.96 15.06 12.78
CA TYR A 42 24.24 13.82 13.07
C TYR A 42 25.07 12.55 12.86
N LYS A 43 26.19 12.66 12.14
CA LYS A 43 27.08 11.53 11.88
C LYS A 43 27.36 10.79 13.18
N ALA A 44 27.60 11.55 14.24
CA ALA A 44 27.79 11.05 15.59
C ALA A 44 26.63 10.17 16.05
N VAL A 45 25.42 10.73 16.03
CA VAL A 45 24.23 10.06 16.54
C VAL A 45 23.79 8.87 15.66
N VAL A 46 24.07 8.95 14.37
CA VAL A 46 23.82 7.82 13.46
C VAL A 46 24.57 6.59 13.96
N TYR A 47 25.89 6.73 14.16
CA TYR A 47 26.72 5.66 14.68
C TYR A 47 26.22 5.19 16.05
N SER A 48 25.79 6.14 16.88
CA SER A 48 25.28 5.83 18.21
C SER A 48 24.03 4.95 18.14
N ASN A 49 23.10 5.30 17.25
CA ASN A 49 21.87 4.54 17.09
C ASN A 49 22.12 3.17 16.50
N THR A 50 23.06 3.08 15.55
CA THR A 50 23.45 1.81 14.95
C THR A 50 23.91 0.84 16.03
N ILE A 51 24.87 1.28 16.85
CA ILE A 51 25.41 0.45 17.92
C ILE A 51 24.34 0.16 18.98
N GLN A 52 23.54 1.16 19.31
CA GLN A 52 22.46 0.99 20.28
C GLN A 52 21.44 -0.05 19.84
N SER A 53 21.23 -0.11 18.52
CA SER A 53 20.27 -1.04 17.92
C SER A 53 20.77 -2.46 18.08
N ILE A 54 21.99 -2.70 17.61
CA ILE A 54 22.59 -4.04 17.67
C ILE A 54 22.76 -4.51 19.11
N ILE A 55 23.16 -3.60 20.01
CA ILE A 55 23.23 -3.90 21.44
C ILE A 55 21.88 -4.43 21.94
N ALA A 56 20.82 -3.71 21.59
CA ALA A 56 19.48 -4.01 22.10
C ALA A 56 19.00 -5.39 21.69
N ILE A 57 19.37 -5.83 20.49
CA ILE A 57 19.03 -7.17 20.03
C ILE A 57 19.83 -8.21 20.81
N ILE A 58 21.16 -8.03 20.87
CA ILE A 58 22.06 -8.90 21.65
C ILE A 58 21.49 -9.10 23.05
N ARG A 59 21.12 -8.00 23.70
CA ARG A 59 20.52 -8.02 25.03
C ARG A 59 19.29 -8.90 25.06
N ALA A 60 18.39 -8.67 24.10
CA ALA A 60 17.10 -9.36 24.02
C ALA A 60 17.23 -10.87 23.83
N MET A 61 18.36 -11.30 23.26
CA MET A 61 18.67 -12.71 23.11
C MET A 61 18.79 -13.37 24.49
N GLY A 62 19.17 -12.58 25.49
CA GLY A 62 19.20 -13.02 26.87
C GLY A 62 17.83 -13.38 27.37
N ARG A 63 16.90 -12.44 27.27
CA ARG A 63 15.50 -12.63 27.70
C ARG A 63 14.84 -13.76 26.90
N LEU A 64 15.09 -13.79 25.59
CA LEU A 64 14.47 -14.76 24.70
C LEU A 64 15.21 -16.09 24.57
N LYS A 65 16.31 -16.22 25.30
CA LYS A 65 17.13 -17.45 25.32
C LYS A 65 17.55 -17.94 23.93
N ILE A 66 17.83 -16.98 23.05
CA ILE A 66 18.26 -17.26 21.68
C ILE A 66 19.78 -17.21 21.62
N ASP A 67 20.37 -18.34 21.27
CA ASP A 67 21.82 -18.44 21.16
C ASP A 67 22.33 -17.81 19.87
N PHE A 68 23.63 -17.61 19.77
CA PHE A 68 24.23 -17.11 18.54
C PHE A 68 24.16 -18.17 17.44
N GLY A 69 23.99 -17.72 16.21
CA GLY A 69 23.94 -18.63 15.08
C GLY A 69 25.26 -19.33 14.93
N ASP A 70 26.32 -18.52 14.85
CA ASP A 70 27.67 -19.04 14.77
C ASP A 70 28.42 -18.76 16.08
N SER A 71 29.01 -19.82 16.63
CA SER A 71 29.74 -19.79 17.90
C SER A 71 30.68 -18.58 18.04
N ALA A 72 31.39 -18.29 16.95
CA ALA A 72 32.40 -17.24 16.89
C ALA A 72 31.91 -15.83 17.27
N ARG A 73 30.63 -15.57 17.05
CA ARG A 73 30.07 -14.22 17.23
C ARG A 73 30.23 -13.62 18.63
N ALA A 74 30.34 -14.49 19.63
CA ALA A 74 30.51 -14.06 21.02
C ALA A 74 31.73 -13.16 21.18
N ASP A 75 32.83 -13.48 20.51
CA ASP A 75 34.03 -12.63 20.50
C ASP A 75 33.79 -11.29 19.80
N ASP A 76 32.99 -11.30 18.74
CA ASP A 76 32.65 -10.07 18.03
C ASP A 76 31.82 -9.17 18.93
N ALA A 77 30.89 -9.77 19.66
CA ALA A 77 30.11 -9.07 20.68
C ALA A 77 31.04 -8.36 21.64
N ARG A 78 32.03 -9.09 22.14
CA ARG A 78 33.00 -8.57 23.10
C ARG A 78 33.80 -7.41 22.52
N GLN A 79 34.24 -7.54 21.27
CA GLN A 79 34.94 -6.46 20.59
C GLN A 79 34.09 -5.19 20.46
N LEU A 80 32.80 -5.38 20.22
CA LEU A 80 31.86 -4.27 20.13
C LEU A 80 31.92 -3.38 21.37
N PHE A 81 31.93 -3.98 22.56
CA PHE A 81 31.96 -3.23 23.81
C PHE A 81 33.27 -2.50 24.02
N VAL A 82 34.36 -3.06 23.48
CA VAL A 82 35.67 -2.45 23.59
C VAL A 82 35.81 -1.27 22.61
N LEU A 83 35.32 -1.48 21.38
CA LEU A 83 35.45 -0.49 20.32
C LEU A 83 34.37 0.60 20.35
N ALA A 84 33.23 0.29 20.97
CA ALA A 84 32.08 1.19 21.01
C ALA A 84 32.42 2.58 21.53
N GLY A 85 33.05 2.63 22.70
CA GLY A 85 33.45 3.90 23.30
C GLY A 85 34.25 4.76 22.33
N ALA A 86 35.10 4.10 21.53
CA ALA A 86 35.96 4.77 20.58
C ALA A 86 35.23 5.25 19.31
N ALA A 87 33.95 4.88 19.17
CA ALA A 87 33.07 5.52 18.19
C ALA A 87 32.79 6.93 18.67
N GLU A 88 33.88 7.70 18.79
CA GLU A 88 33.95 8.98 19.50
C GLU A 88 33.19 10.09 18.79
N GLU A 89 31.91 9.82 18.52
CA GLU A 89 30.98 10.82 18.04
C GLU A 89 31.51 11.52 16.78
N GLY A 90 31.85 10.69 15.78
CA GLY A 90 32.32 11.18 14.49
C GLY A 90 33.46 10.38 13.89
N PHE A 91 33.41 9.06 14.06
CA PHE A 91 34.44 8.16 13.51
C PHE A 91 34.05 6.70 13.73
N MET A 92 33.79 5.99 12.64
CA MET A 92 33.59 4.54 12.72
C MET A 92 34.64 3.79 11.91
N THR A 93 35.51 3.08 12.63
CA THR A 93 36.58 2.30 12.02
C THR A 93 36.05 1.14 11.19
N ALA A 94 36.84 0.71 10.20
CA ALA A 94 36.52 -0.48 9.41
C ALA A 94 36.55 -1.72 10.30
N GLU A 95 37.39 -1.65 11.33
CA GLU A 95 37.46 -2.65 12.38
C GLU A 95 36.09 -2.86 13.02
N LEU A 96 35.48 -1.76 13.48
CA LEU A 96 34.18 -1.79 14.15
C LEU A 96 33.04 -2.10 13.19
N ALA A 97 33.09 -1.51 11.99
CA ALA A 97 32.09 -1.76 10.96
C ALA A 97 31.92 -3.25 10.74
N GLY A 98 33.03 -3.94 10.47
CA GLY A 98 33.03 -5.39 10.27
C GLY A 98 32.43 -6.16 11.43
N VAL A 99 32.73 -5.73 12.65
CA VAL A 99 32.20 -6.34 13.87
C VAL A 99 30.67 -6.30 13.88
N ILE A 100 30.10 -5.12 13.69
CA ILE A 100 28.65 -4.93 13.66
C ILE A 100 28.06 -5.73 12.50
N LYS A 101 28.64 -5.57 11.31
CA LYS A 101 28.21 -6.29 10.12
C LYS A 101 28.05 -7.78 10.38
N ARG A 102 29.09 -8.40 10.94
CA ARG A 102 29.11 -9.84 11.20
C ARG A 102 28.00 -10.26 12.15
N LEU A 103 27.75 -9.44 13.17
CA LEU A 103 26.71 -9.70 14.15
C LEU A 103 25.32 -9.64 13.51
N TRP A 104 25.07 -8.55 12.77
CA TRP A 104 23.78 -8.31 12.13
C TRP A 104 23.46 -9.36 11.06
N LYS A 105 24.52 -9.93 10.48
CA LYS A 105 24.36 -10.99 9.47
C LYS A 105 24.21 -12.37 10.12
N ASP A 106 24.43 -12.45 11.43
CA ASP A 106 24.37 -13.72 12.15
C ASP A 106 22.98 -14.32 12.16
N SER A 107 22.90 -15.62 11.88
CA SER A 107 21.63 -16.33 11.79
C SER A 107 20.80 -16.20 13.07
N GLY A 108 21.45 -16.36 14.21
CA GLY A 108 20.79 -16.24 15.51
C GLY A 108 20.32 -14.83 15.83
N VAL A 109 21.18 -13.83 15.58
CA VAL A 109 20.80 -12.43 15.82
C VAL A 109 19.58 -12.07 14.99
N GLN A 110 19.55 -12.57 13.75
CA GLN A 110 18.39 -12.41 12.88
C GLN A 110 17.14 -13.05 13.50
N ALA A 111 17.26 -14.31 13.92
CA ALA A 111 16.18 -15.03 14.57
C ALA A 111 15.53 -14.21 15.69
N CYS A 112 16.38 -13.49 16.43
CA CYS A 112 15.93 -12.63 17.51
C CYS A 112 15.33 -11.33 16.99
N PHE A 113 15.96 -10.76 15.97
CA PHE A 113 15.46 -9.54 15.36
C PHE A 113 14.03 -9.74 14.86
N ASN A 114 13.79 -10.87 14.19
CA ASN A 114 12.46 -11.21 13.71
C ASN A 114 11.40 -11.33 14.81
N ARG A 115 11.85 -11.53 16.04
CA ARG A 115 10.94 -11.62 17.18
C ARG A 115 10.90 -10.31 17.99
N SER A 116 11.12 -9.19 17.30
CA SER A 116 11.14 -7.87 17.93
C SER A 116 9.81 -7.47 18.59
N ARG A 117 8.80 -8.33 18.44
CA ARG A 117 7.52 -8.12 19.09
C ARG A 117 7.58 -8.53 20.56
N GLU A 118 8.57 -9.36 20.89
CA GLU A 118 8.71 -9.88 22.25
C GLU A 118 9.55 -8.98 23.14
N TYR A 119 10.11 -7.92 22.57
CA TYR A 119 10.79 -6.88 23.33
C TYR A 119 10.55 -5.51 22.70
N GLN A 120 11.37 -4.54 23.06
CA GLN A 120 11.21 -3.19 22.53
C GLN A 120 12.43 -2.76 21.73
N LEU A 121 12.33 -2.86 20.41
CA LEU A 121 13.42 -2.53 19.51
C LEU A 121 12.98 -1.41 18.59
N ASN A 122 13.77 -0.33 18.55
CA ASN A 122 13.41 0.85 17.78
C ASN A 122 13.27 0.55 16.28
N ASP A 123 12.38 1.27 15.61
CA ASP A 123 12.08 1.00 14.20
C ASP A 123 13.05 1.66 13.22
N SER A 124 14.10 2.30 13.75
CA SER A 124 15.19 2.81 12.92
C SER A 124 16.39 1.86 12.90
N ALA A 125 16.27 0.75 13.62
CA ALA A 125 17.36 -0.23 13.75
C ALA A 125 17.70 -0.90 12.42
N ALA A 126 16.70 -1.50 11.79
CA ALA A 126 16.90 -2.22 10.52
C ALA A 126 17.32 -1.29 9.39
N TYR A 127 16.90 -0.03 9.47
CA TYR A 127 17.26 0.97 8.48
C TYR A 127 18.77 1.17 8.41
N TYR A 128 19.41 1.29 9.57
CA TYR A 128 20.84 1.58 9.63
C TYR A 128 21.72 0.36 9.38
N LEU A 129 21.40 -0.75 10.04
CA LEU A 129 22.22 -1.96 9.98
C LEU A 129 22.34 -2.54 8.58
N ASN A 130 21.26 -2.44 7.80
CA ASN A 130 21.26 -2.85 6.40
C ASN A 130 22.07 -1.92 5.51
N ASP A 131 22.36 -0.72 6.00
CA ASP A 131 23.05 0.29 5.21
C ASP A 131 24.52 0.51 5.63
N LEU A 132 25.04 -0.37 6.49
CA LEU A 132 26.40 -0.20 7.06
C LEU A 132 27.47 0.20 6.06
N ASP A 133 27.57 -0.53 4.95
CA ASP A 133 28.56 -0.23 3.91
C ASP A 133 28.58 1.25 3.49
N ARG A 134 27.42 1.90 3.55
CA ARG A 134 27.29 3.32 3.23
C ARG A 134 27.62 4.19 4.44
N ILE A 135 27.17 3.76 5.61
CA ILE A 135 27.37 4.49 6.87
C ILE A 135 28.84 4.44 7.34
N ALA A 136 29.47 3.29 7.14
CA ALA A 136 30.81 3.02 7.66
C ALA A 136 31.94 3.76 6.95
N GLN A 137 31.71 4.15 5.70
CA GLN A 137 32.73 4.82 4.90
C GLN A 137 33.23 6.11 5.56
N PRO A 138 34.56 6.36 5.49
CA PRO A 138 35.20 7.49 6.19
C PRO A 138 34.62 8.85 5.83
N ASN A 139 34.29 9.07 4.57
CA ASN A 139 33.80 10.36 4.07
C ASN A 139 32.28 10.46 4.02
N TYR A 140 31.61 9.67 4.85
CA TYR A 140 30.15 9.65 4.91
C TYR A 140 29.60 10.92 5.53
N ILE A 141 28.59 11.49 4.86
CA ILE A 141 27.81 12.59 5.42
C ILE A 141 26.34 12.19 5.30
N PRO A 142 25.63 12.13 6.46
CA PRO A 142 24.24 11.66 6.51
C PRO A 142 23.34 12.35 5.48
N THR A 143 22.52 11.54 4.80
CA THR A 143 21.58 12.05 3.81
C THR A 143 20.39 12.68 4.53
N GLN A 144 19.54 13.35 3.77
N GLN A 144 19.55 13.35 3.75
CA GLN A 144 18.30 13.92 4.30
CA GLN A 144 18.31 13.93 4.23
C GLN A 144 17.47 12.84 4.99
C GLN A 144 17.43 12.88 4.94
N GLN A 145 17.37 11.68 4.35
CA GLN A 145 16.61 10.56 4.91
C GLN A 145 17.27 9.94 6.15
N ASP A 146 18.60 10.02 6.21
CA ASP A 146 19.37 9.54 7.36
C ASP A 146 19.13 10.38 8.61
N VAL A 147 19.13 11.71 8.44
CA VAL A 147 18.90 12.64 9.56
C VAL A 147 17.49 12.43 10.11
N LEU A 148 16.58 12.07 9.21
CA LEU A 148 15.19 11.81 9.56
C LEU A 148 15.06 10.62 10.52
N ARG A 149 15.95 9.65 10.35
CA ARG A 149 15.89 8.40 11.12
C ARG A 149 16.73 8.40 12.40
N THR A 150 17.42 9.51 12.67
CA THR A 150 18.23 9.63 13.88
C THR A 150 17.36 9.79 15.13
N ARG A 151 17.78 9.14 16.21
CA ARG A 151 17.03 9.14 17.46
C ARG A 151 17.79 9.86 18.58
N VAL A 152 17.33 11.06 18.92
CA VAL A 152 17.99 11.90 19.93
C VAL A 152 17.19 11.90 21.23
N LYS A 153 17.85 12.24 22.34
CA LYS A 153 17.20 12.31 23.64
C LYS A 153 16.26 13.49 23.72
N THR A 154 14.99 13.20 24.01
CA THR A 154 13.95 14.23 24.09
C THR A 154 14.20 15.14 25.31
N THR A 155 14.15 16.45 25.08
CA THR A 155 14.27 17.44 26.16
C THR A 155 13.09 18.39 26.10
N GLY A 156 12.44 18.57 27.25
CA GLY A 156 11.28 19.46 27.38
C GLY A 156 10.34 19.39 26.21
N ILE A 157 10.08 20.54 25.60
CA ILE A 157 9.21 20.64 24.45
C ILE A 157 10.02 20.94 23.20
N VAL A 158 9.69 20.24 22.11
CA VAL A 158 10.29 20.51 20.80
C VAL A 158 9.31 21.39 20.01
N GLU A 159 9.84 22.30 19.21
CA GLU A 159 9.01 23.23 18.45
C GLU A 159 9.55 23.49 17.04
N THR A 160 8.63 23.80 16.12
CA THR A 160 8.99 24.17 14.76
C THR A 160 8.05 25.24 14.18
N HIS A 161 8.63 26.20 13.45
CA HIS A 161 7.87 27.25 12.78
C HIS A 161 7.91 27.02 11.28
N PHE A 162 6.76 27.19 10.62
CA PHE A 162 6.71 27.21 9.16
C PHE A 162 5.47 27.93 8.63
N THR A 163 5.59 28.49 7.43
CA THR A 163 4.48 29.15 6.76
C THR A 163 3.99 28.29 5.59
N PHE A 164 2.72 27.91 5.64
CA PHE A 164 2.11 27.05 4.64
C PHE A 164 0.71 27.53 4.30
N LYS A 165 0.43 27.70 3.01
CA LYS A 165 -0.85 28.22 2.53
C LYS A 165 -1.29 29.46 3.31
N ASP A 166 -0.40 30.44 3.41
CA ASP A 166 -0.63 31.72 4.10
C ASP A 166 -1.01 31.60 5.58
N LEU A 167 -0.52 30.56 6.25
CA LEU A 167 -0.78 30.36 7.67
C LEU A 167 0.51 30.22 8.47
N HIS A 168 0.56 30.88 9.62
CA HIS A 168 1.72 30.77 10.52
C HIS A 168 1.54 29.59 11.48
N PHE A 169 2.24 28.49 11.17
CA PHE A 169 2.13 27.24 11.92
C PHE A 169 3.15 27.14 13.06
N LYS A 170 2.68 26.69 14.22
CA LYS A 170 3.54 26.37 15.35
C LYS A 170 3.18 24.99 15.88
N MET A 171 4.10 24.04 15.72
CA MET A 171 3.87 22.65 16.08
C MET A 171 4.64 22.27 17.34
N PHE A 172 3.96 21.62 18.28
CA PHE A 172 4.53 21.29 19.58
C PHE A 172 4.59 19.78 19.83
N ASP A 173 5.71 19.32 20.39
CA ASP A 173 5.85 17.92 20.81
C ASP A 173 6.46 17.86 22.21
N VAL A 174 5.76 17.19 23.12
CA VAL A 174 6.15 17.17 24.53
C VAL A 174 6.56 15.76 24.99
N GLY A 175 6.04 14.74 24.31
CA GLY A 175 6.14 13.33 24.72
C GLY A 175 7.49 12.82 25.19
N GLY A 176 7.46 11.89 26.13
CA GLY A 176 8.66 11.28 26.67
C GLY A 176 9.10 11.96 27.95
N GLN A 177 9.40 13.25 27.83
CA GLN A 177 9.73 14.09 28.97
C GLN A 177 8.50 14.19 29.87
N ARG A 178 8.62 13.64 31.08
CA ARG A 178 7.55 13.69 32.07
C ARG A 178 7.39 15.12 32.56
N SER A 179 6.50 15.87 31.91
CA SER A 179 6.37 17.30 32.13
C SER A 179 5.40 17.67 33.25
N GLU A 180 5.68 18.81 33.90
CA GLU A 180 4.86 19.40 34.95
C GLU A 180 3.45 19.72 34.45
N ARG A 181 2.47 19.62 35.36
CA ARG A 181 1.06 19.92 35.07
C ARG A 181 0.87 21.33 34.50
N LYS A 182 1.62 22.28 35.05
CA LYS A 182 1.55 23.69 34.64
C LYS A 182 2.25 23.96 33.30
N LYS A 183 3.15 23.06 32.90
CA LYS A 183 3.82 23.15 31.61
C LYS A 183 3.00 22.45 30.52
N TRP A 184 2.07 21.60 30.95
CA TRP A 184 1.13 20.94 30.04
C TRP A 184 0.03 21.91 29.59
N ILE A 185 -0.41 22.77 30.51
CA ILE A 185 -1.45 23.75 30.24
C ILE A 185 -1.02 24.74 29.15
N HIS A 186 0.23 25.18 29.20
CA HIS A 186 0.80 26.08 28.19
C HIS A 186 0.79 25.47 26.79
N CYS A 187 0.66 24.14 26.72
CA CYS A 187 0.58 23.44 25.44
C CYS A 187 -0.86 23.28 24.95
N PHE A 188 -1.79 23.15 25.88
CA PHE A 188 -3.21 22.99 25.54
C PHE A 188 -3.87 24.31 25.18
N GLU A 189 -3.45 25.38 25.83
CA GLU A 189 -4.05 26.70 25.63
C GLU A 189 -3.95 27.17 24.18
N GLY A 190 -5.11 27.51 23.61
CA GLY A 190 -5.21 28.04 22.26
C GLY A 190 -4.75 27.09 21.16
N VAL A 191 -4.88 25.79 21.39
CA VAL A 191 -4.50 24.80 20.39
C VAL A 191 -5.60 24.67 19.33
N THR A 192 -5.22 24.83 18.06
CA THR A 192 -6.15 24.75 16.94
C THR A 192 -6.55 23.31 16.66
N ALA A 193 -5.55 22.45 16.52
CA ALA A 193 -5.79 21.04 16.23
C ALA A 193 -4.74 20.14 16.86
N ILE A 194 -5.21 19.03 17.41
CA ILE A 194 -4.35 17.99 17.97
C ILE A 194 -4.08 16.93 16.89
N ILE A 195 -2.82 16.57 16.72
CA ILE A 195 -2.45 15.47 15.83
C ILE A 195 -1.99 14.31 16.70
N PHE A 196 -2.91 13.41 17.01
CA PHE A 196 -2.64 12.23 17.83
C PHE A 196 -2.09 11.10 16.96
N CYS A 197 -0.96 10.53 17.37
CA CYS A 197 -0.30 9.50 16.58
C CYS A 197 -0.44 8.13 17.19
N VAL A 198 -0.67 7.13 16.34
CA VAL A 198 -0.78 5.74 16.80
C VAL A 198 0.10 4.86 15.94
N ALA A 199 0.94 4.05 16.58
CA ALA A 199 1.78 3.11 15.86
C ALA A 199 1.00 1.83 15.61
N LEU A 200 0.47 1.70 14.39
CA LEU A 200 -0.27 0.50 14.00
C LEU A 200 0.51 -0.79 14.28
N SER A 201 1.81 -0.78 14.00
CA SER A 201 2.62 -1.99 14.14
C SER A 201 2.82 -2.38 15.59
N ASP A 202 2.25 -1.60 16.50
CA ASP A 202 2.33 -1.93 17.94
C ASP A 202 1.31 -2.96 18.37
N TYR A 203 0.42 -3.38 17.45
CA TYR A 203 -0.68 -4.28 17.79
C TYR A 203 -0.21 -5.64 18.33
N ASP A 204 0.96 -6.09 17.90
CA ASP A 204 1.42 -7.44 18.26
C ASP A 204 2.46 -7.49 19.37
N LEU A 205 2.80 -6.33 19.94
CA LEU A 205 3.74 -6.26 21.06
C LEU A 205 3.25 -7.10 22.23
N VAL A 206 4.14 -7.85 22.85
CA VAL A 206 3.79 -8.74 23.94
C VAL A 206 3.92 -8.05 25.30
N LEU A 207 2.86 -8.16 26.10
CA LEU A 207 2.71 -7.55 27.44
C LEU A 207 3.91 -7.68 28.39
N ALA A 208 4.19 -6.59 29.12
CA ALA A 208 5.21 -6.57 30.16
C ALA A 208 4.60 -6.84 31.53
N GLU A 209 5.46 -7.03 32.53
CA GLU A 209 5.04 -7.36 33.90
C GLU A 209 4.30 -6.24 34.63
N ASP A 210 4.48 -5.01 34.16
CA ASP A 210 3.87 -3.83 34.79
C ASP A 210 2.49 -3.50 34.20
N GLU A 211 2.35 -3.68 32.88
CA GLU A 211 1.13 -3.29 32.18
C GLU A 211 -0.03 -4.28 32.38
N GLU A 212 -1.24 -3.77 32.21
CA GLU A 212 -2.48 -4.50 32.48
C GLU A 212 -3.41 -4.50 31.27
N MET A 213 -2.88 -4.03 30.14
CA MET A 213 -3.55 -4.06 28.84
C MET A 213 -2.50 -3.86 27.76
N ASN A 214 -2.68 -4.48 26.60
CA ASN A 214 -1.74 -4.31 25.48
C ASN A 214 -1.59 -2.85 25.05
N ARG A 215 -0.46 -2.55 24.42
CA ARG A 215 -0.07 -1.17 24.08
C ARG A 215 -1.10 -0.41 23.27
N MET A 216 -1.71 -1.08 22.31
CA MET A 216 -2.72 -0.48 21.46
C MET A 216 -3.91 0.03 22.26
N HIS A 217 -4.29 -0.73 23.30
CA HIS A 217 -5.38 -0.32 24.20
C HIS A 217 -4.95 0.74 25.20
N GLU A 218 -3.65 0.85 25.44
CA GLU A 218 -3.10 1.95 26.22
C GLU A 218 -3.12 3.24 25.40
N SER A 219 -2.73 3.14 24.13
CA SER A 219 -2.83 4.28 23.22
C SER A 219 -4.29 4.67 23.04
N MET A 220 -5.16 3.66 23.02
CA MET A 220 -6.61 3.88 22.98
C MET A 220 -7.12 4.63 24.21
N LYS A 221 -6.79 4.13 25.40
CA LYS A 221 -7.28 4.75 26.63
C LYS A 221 -6.81 6.21 26.75
N LEU A 222 -5.68 6.53 26.16
CA LEU A 222 -5.21 7.92 26.13
C LEU A 222 -6.08 8.75 25.19
N PHE A 223 -6.34 8.20 24.00
CA PHE A 223 -7.20 8.86 23.02
C PHE A 223 -8.57 9.15 23.62
N ASP A 224 -9.19 8.13 24.21
CA ASP A 224 -10.48 8.26 24.90
C ASP A 224 -10.49 9.42 25.90
N SER A 225 -9.32 9.81 26.38
CA SER A 225 -9.17 10.93 27.31
C SER A 225 -8.95 12.26 26.60
N ILE A 226 -8.08 12.27 25.58
CA ILE A 226 -7.81 13.48 24.79
C ILE A 226 -9.07 13.89 24.03
N CYS A 227 -9.67 12.91 23.38
CA CYS A 227 -10.84 13.11 22.51
C CYS A 227 -12.06 13.62 23.27
N ASN A 228 -12.29 13.10 24.47
CA ASN A 228 -13.50 13.43 25.24
C ASN A 228 -13.28 14.40 26.38
N ASN A 229 -12.17 15.13 26.35
CA ASN A 229 -11.89 16.11 27.40
C ASN A 229 -12.68 17.39 27.21
N LYS A 230 -12.97 18.08 28.32
CA LYS A 230 -13.66 19.36 28.28
C LYS A 230 -12.81 20.47 27.67
N TRP A 231 -11.48 20.31 27.75
CA TRP A 231 -10.54 21.24 27.12
C TRP A 231 -10.63 21.24 25.60
N PHE A 232 -10.91 20.07 25.04
CA PHE A 232 -10.95 19.92 23.59
C PHE A 232 -12.34 19.55 23.08
N THR A 233 -13.17 20.57 22.91
CA THR A 233 -14.48 20.41 22.30
C THR A 233 -14.53 21.25 21.03
N ASP A 234 -13.94 22.44 21.11
CA ASP A 234 -13.78 23.32 19.96
C ASP A 234 -12.39 23.15 19.35
N THR A 235 -11.92 21.91 19.31
CA THR A 235 -10.59 21.58 18.82
C THR A 235 -10.65 20.42 17.83
N SER A 236 -9.99 20.57 16.68
CA SER A 236 -9.95 19.52 15.67
C SER A 236 -9.03 18.40 16.12
N ILE A 237 -9.58 17.18 16.21
CA ILE A 237 -8.78 16.00 16.55
C ILE A 237 -8.41 15.22 15.28
N ILE A 238 -7.14 15.33 14.90
CA ILE A 238 -6.59 14.60 13.76
C ILE A 238 -5.91 13.35 14.28
N LEU A 239 -6.18 12.21 13.64
CA LEU A 239 -5.60 10.95 14.06
C LEU A 239 -4.72 10.36 12.95
N PHE A 240 -3.42 10.27 13.20
CA PHE A 240 -2.51 9.61 12.28
C PHE A 240 -2.39 8.17 12.76
N LEU A 241 -2.90 7.22 11.98
CA LEU A 241 -2.58 5.83 12.23
C LEU A 241 -1.29 5.51 11.50
N ASN A 242 -0.17 5.79 12.19
CA ASN A 242 1.17 5.73 11.62
C ASN A 242 1.75 4.32 11.53
N LYS A 243 2.93 4.22 10.91
CA LYS A 243 3.67 2.95 10.75
C LYS A 243 2.89 1.91 9.95
N LYS A 244 2.05 2.40 9.03
CA LYS A 244 1.22 1.55 8.19
C LYS A 244 2.05 0.60 7.32
N ASP A 245 3.29 0.99 7.03
CA ASP A 245 4.17 0.18 6.21
C ASP A 245 4.59 -1.08 6.94
N LEU A 246 4.94 -0.92 8.22
CA LEU A 246 5.34 -2.03 9.07
C LEU A 246 4.12 -2.84 9.41
N PHE A 247 3.01 -2.13 9.67
CA PHE A 247 1.76 -2.79 10.02
C PHE A 247 1.30 -3.72 8.91
N GLU A 248 1.49 -3.31 7.67
CA GLU A 248 1.06 -4.11 6.54
C GLU A 248 1.84 -5.41 6.48
N GLU A 249 3.15 -5.32 6.72
CA GLU A 249 4.05 -6.46 6.70
C GLU A 249 3.82 -7.41 7.87
N LYS A 250 3.50 -6.83 9.02
CA LYS A 250 3.26 -7.59 10.25
C LYS A 250 2.01 -8.43 10.12
N ILE A 251 0.98 -7.85 9.52
CA ILE A 251 -0.33 -8.48 9.46
C ILE A 251 -0.31 -9.72 8.56
N LYS A 252 0.78 -9.90 7.82
CA LYS A 252 0.92 -11.06 6.95
C LYS A 252 1.16 -12.33 7.75
N LYS A 253 1.76 -12.18 8.93
CA LYS A 253 2.17 -13.32 9.76
C LYS A 253 1.52 -13.34 11.15
N SER A 254 1.26 -12.17 11.72
CA SER A 254 0.68 -12.05 13.07
C SER A 254 -0.73 -11.49 13.02
N PRO A 255 -1.75 -12.33 13.31
CA PRO A 255 -3.16 -11.91 13.26
C PRO A 255 -3.53 -10.77 14.19
N LEU A 256 -4.38 -9.87 13.72
CA LEU A 256 -4.88 -8.73 14.51
C LEU A 256 -5.66 -9.25 15.70
N THR A 257 -5.93 -10.55 15.68
CA THR A 257 -6.61 -11.19 16.79
C THR A 257 -5.68 -11.34 18.01
N ILE A 258 -4.38 -11.08 17.83
CA ILE A 258 -3.43 -10.95 18.93
C ILE A 258 -3.74 -9.73 19.80
N CYS A 259 -4.31 -8.70 19.18
CA CYS A 259 -4.53 -7.42 19.85
C CYS A 259 -5.98 -7.19 20.26
N TYR A 260 -6.89 -7.68 19.42
CA TYR A 260 -8.33 -7.58 19.64
C TYR A 260 -8.92 -8.97 19.52
N PRO A 261 -8.81 -9.79 20.58
CA PRO A 261 -9.14 -11.21 20.44
C PRO A 261 -10.56 -11.46 19.93
N GLU A 262 -11.36 -10.41 19.91
CA GLU A 262 -12.77 -10.47 19.51
C GLU A 262 -12.96 -10.23 18.00
N TYR A 263 -11.89 -9.85 17.32
CA TYR A 263 -11.91 -9.51 15.89
C TYR A 263 -12.19 -10.72 14.99
N ALA A 264 -13.28 -10.63 14.22
CA ALA A 264 -13.77 -11.73 13.39
C ALA A 264 -13.53 -11.55 11.90
N GLY A 265 -12.91 -10.43 11.52
CA GLY A 265 -12.62 -10.14 10.11
C GLY A 265 -11.41 -10.91 9.60
N SER A 266 -11.13 -10.75 8.31
CA SER A 266 -10.00 -11.43 7.66
C SER A 266 -8.67 -10.77 8.01
N ASN A 267 -7.57 -11.49 7.79
CA ASN A 267 -6.26 -10.94 8.10
C ASN A 267 -5.57 -10.21 6.94
N THR A 268 -6.39 -9.57 6.12
CA THR A 268 -5.94 -8.63 5.12
C THR A 268 -5.54 -7.33 5.81
N TYR A 269 -4.64 -6.58 5.20
CA TYR A 269 -4.18 -5.32 5.77
C TYR A 269 -5.30 -4.30 5.83
N GLU A 270 -6.04 -4.21 4.73
CA GLU A 270 -7.08 -3.21 4.51
C GLU A 270 -8.23 -3.31 5.53
N GLU A 271 -8.69 -4.53 5.80
CA GLU A 271 -9.77 -4.74 6.77
C GLU A 271 -9.32 -4.42 8.19
N ALA A 272 -8.15 -4.93 8.57
CA ALA A 272 -7.58 -4.71 9.90
C ALA A 272 -7.28 -3.23 10.15
N ALA A 273 -6.63 -2.59 9.17
CA ALA A 273 -6.36 -1.15 9.24
C ALA A 273 -7.64 -0.36 9.53
N ALA A 274 -8.71 -0.72 8.84
CA ALA A 274 -9.98 -0.04 8.97
C ALA A 274 -10.66 -0.38 10.28
N TYR A 275 -10.39 -1.59 10.79
CA TYR A 275 -10.96 -2.03 12.07
C TYR A 275 -10.35 -1.24 13.24
N ILE A 276 -9.02 -1.08 13.21
CA ILE A 276 -8.32 -0.30 14.22
C ILE A 276 -8.87 1.11 14.21
N GLN A 277 -9.00 1.68 13.02
CA GLN A 277 -9.58 3.01 12.84
C GLN A 277 -10.91 3.12 13.57
N CYS A 278 -11.78 2.12 13.38
CA CYS A 278 -13.08 2.10 14.05
C CYS A 278 -12.96 2.10 15.55
N GLN A 279 -11.93 1.43 16.07
CA GLN A 279 -11.74 1.30 17.52
C GLN A 279 -11.40 2.62 18.19
N PHE A 280 -10.55 3.41 17.55
CA PHE A 280 -10.17 4.72 18.05
C PHE A 280 -11.28 5.74 17.84
N GLU A 281 -11.90 5.69 16.67
CA GLU A 281 -12.98 6.63 16.34
C GLU A 281 -14.20 6.43 17.23
N ASP A 282 -14.48 5.19 17.61
CA ASP A 282 -15.62 4.85 18.46
C ASP A 282 -15.53 5.36 19.89
N LEU A 283 -14.37 5.88 20.27
CA LEU A 283 -14.17 6.43 21.60
C LEU A 283 -14.74 7.85 21.71
N ASN A 284 -15.07 8.43 20.56
CA ASN A 284 -15.70 9.75 20.47
C ASN A 284 -17.14 9.72 20.97
N LYS A 285 -17.33 10.14 22.21
CA LYS A 285 -18.67 10.13 22.85
C LYS A 285 -19.61 11.16 22.22
N ARG A 286 -19.03 12.17 21.57
CA ARG A 286 -19.81 13.19 20.86
C ARG A 286 -19.64 13.07 19.34
N LYS A 287 -20.66 12.54 18.68
CA LYS A 287 -20.72 12.48 17.20
C LYS A 287 -21.62 13.59 16.65
N ASP A 288 -22.59 14.01 17.46
CA ASP A 288 -23.47 15.12 17.13
C ASP A 288 -22.76 16.47 17.22
N THR A 289 -21.58 16.49 17.85
CA THR A 289 -20.86 17.74 18.09
C THR A 289 -19.43 17.71 17.54
N LYS A 290 -18.95 16.53 17.17
CA LYS A 290 -17.54 16.35 16.83
C LYS A 290 -17.31 15.18 15.86
N GLU A 291 -16.28 15.34 15.04
CA GLU A 291 -15.85 14.33 14.06
C GLU A 291 -14.33 14.22 14.10
N ILE A 292 -13.80 13.02 13.87
CA ILE A 292 -12.37 12.78 13.93
C ILE A 292 -11.79 12.58 12.52
N TYR A 293 -10.75 13.35 12.20
CA TYR A 293 -10.13 13.30 10.89
C TYR A 293 -8.98 12.30 10.88
N THR A 294 -9.23 11.13 10.30
CA THR A 294 -8.29 10.01 10.34
C THR A 294 -7.45 9.92 9.06
N HIS A 295 -6.16 9.66 9.23
CA HIS A 295 -5.23 9.48 8.12
C HIS A 295 -4.27 8.34 8.38
N PHE A 296 -4.16 7.42 7.43
CA PHE A 296 -3.17 6.34 7.52
C PHE A 296 -1.85 6.83 6.95
N THR A 297 -0.88 7.06 7.84
CA THR A 297 0.38 7.70 7.47
C THR A 297 1.56 6.75 7.50
N CYS A 298 2.67 7.22 6.95
CA CYS A 298 3.98 6.60 7.14
C CYS A 298 5.01 7.70 7.38
N ALA A 299 5.18 8.09 8.64
CA ALA A 299 5.90 9.31 9.01
C ALA A 299 7.30 9.47 8.40
N THR A 300 7.95 8.36 8.10
CA THR A 300 9.30 8.39 7.51
C THR A 300 9.26 8.65 6.00
N ASP A 301 8.08 8.52 5.43
CA ASP A 301 7.84 8.70 4.00
C ASP A 301 7.47 10.16 3.74
N THR A 302 8.47 10.96 3.35
CA THR A 302 8.29 12.40 3.15
C THR A 302 7.10 12.70 2.24
N LYS A 303 7.06 12.01 1.09
CA LYS A 303 5.98 12.20 0.11
C LYS A 303 4.61 11.97 0.72
N ASN A 304 4.44 10.86 1.44
CA ASN A 304 3.19 10.52 2.10
C ASN A 304 2.78 11.56 3.15
N VAL A 305 3.75 12.00 3.96
CA VAL A 305 3.49 12.99 5.00
C VAL A 305 3.08 14.32 4.37
N GLN A 306 3.72 14.65 3.26
CA GLN A 306 3.41 15.87 2.50
C GLN A 306 1.96 15.87 2.05
N PHE A 307 1.55 14.77 1.43
CA PHE A 307 0.17 14.61 0.98
C PHE A 307 -0.79 14.74 2.14
N VAL A 308 -0.54 13.98 3.19
CA VAL A 308 -1.40 13.94 4.37
C VAL A 308 -1.51 15.31 5.05
N PHE A 309 -0.37 15.93 5.34
CA PHE A 309 -0.41 17.24 5.98
C PHE A 309 -1.15 18.26 5.14
N ASP A 310 -1.04 18.12 3.83
CA ASP A 310 -1.78 18.95 2.88
C ASP A 310 -3.28 18.83 3.10
N ALA A 311 -3.76 17.59 3.21
CA ALA A 311 -5.15 17.30 3.49
C ALA A 311 -5.56 17.83 4.87
N VAL A 312 -4.63 17.80 5.81
CA VAL A 312 -4.87 18.29 7.17
C VAL A 312 -5.04 19.82 7.16
N THR A 313 -4.21 20.50 6.38
CA THR A 313 -4.25 21.96 6.29
C THR A 313 -5.57 22.45 5.72
N ASP A 314 -6.05 21.76 4.68
CA ASP A 314 -7.32 22.09 4.05
C ASP A 314 -8.48 22.02 5.04
N VAL A 315 -8.46 21.00 5.89
CA VAL A 315 -9.40 20.88 7.00
C VAL A 315 -9.33 22.10 7.93
N ILE A 316 -8.12 22.48 8.33
CA ILE A 316 -7.92 23.62 9.23
C ILE A 316 -8.44 24.92 8.61
N ILE A 317 -8.21 25.10 7.31
CA ILE A 317 -8.66 26.28 6.57
C ILE A 317 -10.18 26.45 6.66
N LYS A 318 -10.93 25.42 6.27
CA LYS A 318 -12.38 25.50 6.27
C LYS A 318 -13.02 25.30 7.66
N ASN A 319 -12.20 25.35 8.70
CA ASN A 319 -12.68 25.23 10.08
C ASN A 319 -12.39 26.45 10.97
N ASN A 320 -11.72 27.45 10.41
CA ASN A 320 -11.38 28.68 11.14
C ASN A 320 -12.52 29.70 11.09
N ARG B 5 -5.62 -35.25 -4.66
CA ARG B 5 -6.98 -34.96 -5.21
C ARG B 5 -6.96 -33.91 -6.33
N GLU B 6 -8.15 -33.55 -6.82
CA GLU B 6 -8.30 -32.66 -7.96
C GLU B 6 -9.14 -31.44 -7.60
N VAL B 7 -8.63 -30.26 -7.92
CA VAL B 7 -9.29 -29.00 -7.57
C VAL B 7 -9.64 -28.18 -8.82
N LYS B 8 -10.91 -27.81 -8.95
CA LYS B 8 -11.40 -27.00 -10.07
C LYS B 8 -11.70 -25.57 -9.62
N LEU B 9 -11.06 -24.60 -10.25
CA LEU B 9 -11.29 -23.19 -9.94
C LEU B 9 -11.93 -22.46 -11.11
N LEU B 10 -13.05 -21.78 -10.84
CA LEU B 10 -13.71 -20.97 -11.85
C LEU B 10 -13.55 -19.49 -11.58
N LEU B 11 -12.89 -18.80 -12.50
CA LEU B 11 -12.77 -17.35 -12.43
C LEU B 11 -14.03 -16.70 -12.97
N LEU B 12 -14.55 -15.73 -12.22
CA LEU B 12 -15.72 -14.96 -12.64
C LEU B 12 -15.51 -13.48 -12.36
N GLY B 13 -16.42 -12.66 -12.87
CA GLY B 13 -16.36 -11.22 -12.63
C GLY B 13 -16.46 -10.39 -13.89
N ALA B 14 -16.67 -9.10 -13.69
CA ALA B 14 -16.84 -8.14 -14.79
C ALA B 14 -15.68 -8.16 -15.78
N GLY B 15 -15.97 -7.82 -17.03
CA GLY B 15 -14.91 -7.67 -18.03
C GLY B 15 -14.00 -6.53 -17.60
N GLU B 16 -12.70 -6.75 -17.74
CA GLU B 16 -11.65 -5.80 -17.30
C GLU B 16 -11.63 -5.71 -15.78
N SER B 17 -11.33 -6.84 -15.13
CA SER B 17 -11.26 -6.91 -13.66
C SER B 17 -9.98 -7.58 -13.17
N GLY B 18 -9.57 -8.66 -13.85
CA GLY B 18 -8.33 -9.35 -13.51
C GLY B 18 -8.27 -10.79 -13.98
N LYS B 19 -9.42 -11.33 -14.34
CA LYS B 19 -9.57 -12.77 -14.63
C LYS B 19 -8.47 -13.37 -15.51
N SER B 20 -8.25 -12.79 -16.68
CA SER B 20 -7.28 -13.34 -17.63
C SER B 20 -5.83 -13.04 -17.23
N THR B 21 -5.63 -12.02 -16.40
CA THR B 21 -4.31 -11.74 -15.84
C THR B 21 -3.93 -12.79 -14.80
N ILE B 22 -4.89 -13.15 -13.95
CA ILE B 22 -4.73 -14.21 -12.95
C ILE B 22 -4.29 -15.55 -13.57
N VAL B 23 -4.98 -15.95 -14.64
CA VAL B 23 -4.65 -17.21 -15.34
C VAL B 23 -3.22 -17.18 -15.87
N LYS B 24 -2.81 -16.03 -16.39
CA LYS B 24 -1.45 -15.84 -16.87
C LYS B 24 -0.45 -15.91 -15.71
N GLN B 25 -0.86 -15.38 -14.55
CA GLN B 25 -0.02 -15.37 -13.37
C GLN B 25 0.25 -16.77 -12.86
N MET B 26 -0.75 -17.64 -12.97
CA MET B 26 -0.58 -19.04 -12.58
C MET B 26 0.49 -19.73 -13.43
N LYS B 27 0.55 -19.37 -14.70
CA LYS B 27 1.57 -19.88 -15.61
C LYS B 27 2.96 -19.39 -15.21
N ILE B 28 3.04 -18.11 -14.80
CA ILE B 28 4.32 -17.51 -14.40
C ILE B 28 4.82 -18.06 -13.06
N ILE B 29 3.89 -18.33 -12.13
CA ILE B 29 4.25 -18.79 -10.80
C ILE B 29 4.39 -20.31 -10.72
N HIS B 30 3.35 -21.03 -11.12
CA HIS B 30 3.31 -22.48 -10.88
C HIS B 30 3.59 -23.36 -12.10
N GLU B 31 3.85 -22.71 -13.23
CA GLU B 31 4.33 -23.40 -14.43
C GLU B 31 5.70 -22.84 -14.81
N ALA B 32 6.20 -23.20 -15.99
CA ALA B 32 7.55 -22.76 -16.40
C ALA B 32 7.63 -21.24 -16.63
N GLY B 33 6.49 -20.59 -16.77
CA GLY B 33 6.45 -19.19 -17.15
C GLY B 33 6.35 -19.08 -18.66
N TYR B 34 7.01 -18.06 -19.21
CA TYR B 34 7.02 -17.86 -20.66
C TYR B 34 8.45 -17.91 -21.21
N SER B 35 8.67 -18.84 -22.13
CA SER B 35 9.98 -19.00 -22.79
C SER B 35 10.26 -17.85 -23.75
N GLU B 36 11.55 -17.59 -23.98
CA GLU B 36 11.97 -16.55 -24.94
C GLU B 36 11.33 -16.78 -26.32
N GLU B 37 11.18 -18.04 -26.70
CA GLU B 37 10.49 -18.44 -27.93
C GLU B 37 9.02 -18.02 -27.92
N GLU B 38 8.36 -18.20 -26.78
CA GLU B 38 6.97 -17.81 -26.61
C GLU B 38 6.81 -16.29 -26.47
N CYS B 39 7.88 -15.63 -26.02
CA CYS B 39 7.87 -14.18 -25.84
C CYS B 39 7.89 -13.44 -27.18
N LYS B 40 8.65 -13.97 -28.13
CA LYS B 40 8.71 -13.43 -29.51
C LYS B 40 7.32 -13.35 -30.14
N GLN B 41 6.50 -14.36 -29.89
CA GLN B 41 5.11 -14.43 -30.37
C GLN B 41 4.33 -13.15 -30.05
N TYR B 42 4.56 -12.60 -28.86
CA TYR B 42 3.78 -11.49 -28.34
C TYR B 42 4.22 -10.11 -28.83
N LYS B 43 5.44 -10.03 -29.39
CA LYS B 43 5.98 -8.78 -29.92
C LYS B 43 4.94 -8.09 -30.81
N ALA B 44 4.28 -8.89 -31.64
CA ALA B 44 3.20 -8.45 -32.50
C ALA B 44 2.08 -7.76 -31.71
N VAL B 45 1.53 -8.46 -30.72
CA VAL B 45 0.38 -7.98 -29.94
C VAL B 45 0.74 -6.81 -29.01
N VAL B 46 2.00 -6.77 -28.56
CA VAL B 46 2.49 -5.64 -27.78
C VAL B 46 2.29 -4.35 -28.59
N TYR B 47 2.86 -4.34 -29.81
CA TYR B 47 2.70 -3.20 -30.71
C TYR B 47 1.24 -2.91 -31.01
N SER B 48 0.44 -3.96 -31.17
CA SER B 48 -0.99 -3.83 -31.43
C SER B 48 -1.71 -3.10 -30.30
N ASN B 49 -1.44 -3.51 -29.06
CA ASN B 49 -2.06 -2.89 -27.89
C ASN B 49 -1.60 -1.45 -27.69
N THR B 50 -0.31 -1.20 -27.94
CA THR B 50 0.26 0.15 -27.86
C THR B 50 -0.52 1.10 -28.75
N ILE B 51 -0.65 0.75 -30.03
CA ILE B 51 -1.37 1.56 -31.01
C ILE B 51 -2.87 1.64 -30.66
N GLN B 52 -3.45 0.51 -30.24
CA GLN B 52 -4.87 0.48 -29.85
C GLN B 52 -5.17 1.42 -28.70
N SER B 53 -4.20 1.55 -27.80
CA SER B 53 -4.33 2.40 -26.63
C SER B 53 -4.35 3.86 -27.04
N ILE B 54 -3.33 4.27 -27.79
CA ILE B 54 -3.22 5.67 -28.23
C ILE B 54 -4.41 6.06 -29.11
N ILE B 55 -4.84 5.15 -29.99
CA ILE B 55 -6.06 5.37 -30.80
C ILE B 55 -7.24 5.67 -29.89
N ALA B 56 -7.43 4.83 -28.87
CA ALA B 56 -8.59 4.93 -28.00
C ALA B 56 -8.67 6.26 -27.29
N ILE B 57 -7.50 6.82 -26.92
CA ILE B 57 -7.47 8.13 -26.28
C ILE B 57 -7.83 9.22 -27.28
N ILE B 58 -7.18 9.20 -28.46
CA ILE B 58 -7.47 10.13 -29.56
C ILE B 58 -8.97 10.15 -29.82
N ARG B 59 -9.56 8.96 -29.98
CA ARG B 59 -10.98 8.81 -30.23
C ARG B 59 -11.82 9.50 -29.17
N ALA B 60 -11.45 9.26 -27.91
CA ALA B 60 -12.18 9.79 -26.74
C ALA B 60 -12.12 11.31 -26.63
N MET B 61 -11.08 11.90 -27.21
CA MET B 61 -10.97 13.36 -27.30
C MET B 61 -12.13 13.93 -28.09
N GLY B 62 -12.68 13.11 -28.99
CA GLY B 62 -13.89 13.45 -29.73
C GLY B 62 -15.08 13.63 -28.80
N ARG B 63 -15.39 12.56 -28.06
CA ARG B 63 -16.52 12.56 -27.12
C ARG B 63 -16.35 13.65 -26.05
N LEU B 64 -15.12 13.81 -25.57
CA LEU B 64 -14.83 14.75 -24.49
C LEU B 64 -14.49 16.18 -24.94
N LYS B 65 -14.51 16.40 -26.26
CA LYS B 65 -14.23 17.71 -26.87
C LYS B 65 -12.90 18.33 -26.44
N ILE B 66 -11.91 17.46 -26.25
CA ILE B 66 -10.56 17.88 -25.84
C ILE B 66 -9.69 18.04 -27.08
N ASP B 67 -9.22 19.25 -27.28
CA ASP B 67 -8.38 19.57 -28.43
C ASP B 67 -6.95 19.12 -28.20
N PHE B 68 -6.15 19.05 -29.26
CA PHE B 68 -4.73 18.74 -29.14
C PHE B 68 -4.00 19.87 -28.42
N GLY B 69 -3.00 19.49 -27.63
CA GLY B 69 -2.20 20.47 -26.92
C GLY B 69 -1.43 21.32 -27.91
N ASP B 70 -0.72 20.64 -28.80
CA ASP B 70 0.02 21.30 -29.85
C ASP B 70 -0.62 21.04 -31.20
N SER B 71 -0.89 22.12 -31.93
CA SER B 71 -1.57 22.11 -33.23
C SER B 71 -1.06 21.03 -34.19
N ALA B 72 0.26 20.89 -34.24
CA ALA B 72 0.96 19.99 -35.17
C ALA B 72 0.63 18.50 -35.02
N ARG B 73 0.10 18.11 -33.86
CA ARG B 73 -0.14 16.69 -33.55
C ARG B 73 -1.18 16.03 -34.47
N ALA B 74 -2.07 16.84 -35.04
CA ALA B 74 -3.09 16.34 -35.96
C ALA B 74 -2.47 15.60 -37.15
N ASP B 75 -1.35 16.11 -37.66
CA ASP B 75 -0.59 15.43 -38.72
C ASP B 75 0.05 14.13 -38.25
N ASP B 76 0.49 14.10 -36.99
CA ASP B 76 1.06 12.88 -36.42
C ASP B 76 -0.03 11.83 -36.29
N ALA B 77 -1.21 12.26 -35.88
CA ALA B 77 -2.38 11.39 -35.81
C ALA B 77 -2.58 10.73 -37.16
N ARG B 78 -2.58 11.56 -38.21
CA ARG B 78 -2.78 11.10 -39.59
C ARG B 78 -1.72 10.11 -40.01
N GLN B 79 -0.46 10.39 -39.68
CA GLN B 79 0.64 9.47 -39.96
C GLN B 79 0.46 8.12 -39.28
N LEU B 80 -0.08 8.13 -38.06
CA LEU B 80 -0.34 6.92 -37.31
C LEU B 80 -1.23 5.96 -38.10
N PHE B 81 -2.31 6.48 -38.70
CA PHE B 81 -3.25 5.65 -39.44
C PHE B 81 -2.64 5.07 -40.72
N VAL B 82 -1.68 5.80 -41.27
CA VAL B 82 -0.99 5.35 -42.49
C VAL B 82 0.06 4.29 -42.16
N LEU B 83 0.79 4.50 -41.07
CA LEU B 83 1.89 3.61 -40.67
C LEU B 83 1.42 2.41 -39.85
N ALA B 84 0.24 2.52 -39.23
CA ALA B 84 -0.29 1.48 -38.35
C ALA B 84 -0.36 0.12 -39.01
N GLY B 85 -1.02 0.04 -40.17
CA GLY B 85 -1.15 -1.21 -40.89
C GLY B 85 0.19 -1.90 -41.11
N ALA B 86 1.22 -1.07 -41.30
CA ALA B 86 2.58 -1.56 -41.55
C ALA B 86 3.31 -2.05 -40.29
N ALA B 87 2.69 -1.86 -39.12
CA ALA B 87 3.11 -2.54 -37.90
C ALA B 87 2.74 -4.02 -38.06
N GLU B 88 3.30 -4.61 -39.12
CA GLU B 88 2.94 -5.92 -39.65
C GLU B 88 3.31 -7.06 -38.71
N GLU B 89 2.80 -6.96 -37.49
CA GLU B 89 2.85 -8.03 -36.51
C GLU B 89 4.28 -8.53 -36.30
N GLY B 90 5.15 -7.58 -35.94
CA GLY B 90 6.55 -7.87 -35.63
C GLY B 90 7.54 -6.90 -36.26
N PHE B 91 7.22 -5.61 -36.21
CA PHE B 91 8.10 -4.56 -36.73
C PHE B 91 7.54 -3.17 -36.42
N MET B 92 8.21 -2.44 -35.54
CA MET B 92 7.87 -1.03 -35.31
C MET B 92 9.01 -0.11 -35.73
N THR B 93 8.77 0.67 -36.78
CA THR B 93 9.76 1.59 -37.31
C THR B 93 10.01 2.75 -36.35
N ALA B 94 11.23 3.30 -36.40
CA ALA B 94 11.60 4.49 -35.63
C ALA B 94 10.74 5.67 -36.06
N GLU B 95 10.34 5.64 -37.33
CA GLU B 95 9.36 6.56 -37.89
C GLU B 95 8.07 6.54 -37.05
N LEU B 96 7.51 5.35 -36.86
CA LEU B 96 6.25 5.17 -36.14
C LEU B 96 6.41 5.40 -34.64
N ALA B 97 7.51 4.92 -34.08
CA ALA B 97 7.80 5.11 -32.66
C ALA B 97 7.67 6.58 -32.30
N GLY B 98 8.40 7.43 -33.02
CA GLY B 98 8.36 8.88 -32.83
C GLY B 98 6.97 9.47 -32.90
N VAL B 99 6.17 8.98 -33.85
CA VAL B 99 4.79 9.43 -34.03
C VAL B 99 3.97 9.21 -32.75
N ILE B 100 3.97 7.97 -32.26
CA ILE B 100 3.25 7.61 -31.05
C ILE B 100 3.82 8.40 -29.87
N LYS B 101 5.15 8.37 -29.74
CA LYS B 101 5.86 9.10 -28.69
C LYS B 101 5.36 10.54 -28.57
N ARG B 102 5.31 11.25 -29.71
CA ARG B 102 4.91 12.66 -29.74
C ARG B 102 3.47 12.87 -29.30
N LEU B 103 2.60 11.95 -29.69
CA LEU B 103 1.18 12.00 -29.34
C LEU B 103 0.99 11.79 -27.84
N TRP B 104 1.59 10.74 -27.32
CA TRP B 104 1.49 10.39 -25.90
C TRP B 104 2.07 11.48 -25.00
N LYS B 105 3.06 12.21 -25.50
CA LYS B 105 3.69 13.30 -24.77
C LYS B 105 2.90 14.61 -24.88
N ASP B 106 1.88 14.62 -25.73
CA ASP B 106 1.10 15.83 -25.99
C ASP B 106 0.28 16.26 -24.79
N SER B 107 0.30 17.56 -24.50
CA SER B 107 -0.41 18.14 -23.36
C SER B 107 -1.91 17.79 -23.38
N GLY B 108 -2.52 17.96 -24.54
CA GLY B 108 -3.94 17.65 -24.73
C GLY B 108 -4.27 16.17 -24.58
N VAL B 109 -3.49 15.31 -25.24
CA VAL B 109 -3.71 13.86 -25.16
C VAL B 109 -3.61 13.40 -23.70
N GLN B 110 -2.66 13.97 -22.97
CA GLN B 110 -2.53 13.74 -21.53
C GLN B 110 -3.78 14.16 -20.77
N ALA B 111 -4.22 15.40 -21.00
CA ALA B 111 -5.43 15.94 -20.38
C ALA B 111 -6.62 14.99 -20.53
N CYS B 112 -6.70 14.33 -21.68
CA CYS B 112 -7.73 13.34 -21.96
C CYS B 112 -7.44 12.03 -21.26
N PHE B 113 -6.18 11.62 -21.26
CA PHE B 113 -5.78 10.39 -20.59
C PHE B 113 -6.16 10.42 -19.11
N ASN B 114 -5.92 11.56 -18.47
CA ASN B 114 -6.28 11.73 -17.06
C ASN B 114 -7.77 11.65 -16.80
N ARG B 115 -8.57 11.82 -17.85
CA ARG B 115 -10.02 11.69 -17.73
C ARG B 115 -10.54 10.34 -18.23
N SER B 116 -9.69 9.31 -18.12
CA SER B 116 -10.03 7.96 -18.57
C SER B 116 -11.21 7.34 -17.81
N ARG B 117 -11.74 8.09 -16.85
CA ARG B 117 -12.92 7.67 -16.11
C ARG B 117 -14.19 7.98 -16.90
N GLU B 118 -14.06 8.88 -17.87
CA GLU B 118 -15.20 9.32 -18.69
C GLU B 118 -15.38 8.46 -19.94
N TYR B 119 -14.46 7.55 -20.19
CA TYR B 119 -14.60 6.57 -21.25
C TYR B 119 -14.02 5.22 -20.81
N GLN B 120 -13.77 4.33 -21.76
CA GLN B 120 -13.23 3.02 -21.42
C GLN B 120 -11.86 2.81 -22.05
N LEU B 121 -10.83 3.00 -21.23
CA LEU B 121 -9.45 2.85 -21.67
C LEU B 121 -8.79 1.73 -20.89
N ASN B 122 -8.21 0.78 -21.61
CA ASN B 122 -7.61 -0.39 -20.98
C ASN B 122 -6.48 0.00 -20.02
N ASP B 123 -6.33 -0.77 -18.94
CA ASP B 123 -5.36 -0.44 -17.90
C ASP B 123 -3.92 -0.84 -18.24
N SER B 124 -3.72 -1.44 -19.42
CA SER B 124 -2.38 -1.73 -19.91
C SER B 124 -1.85 -0.64 -20.83
N ALA B 125 -2.65 0.40 -21.06
CA ALA B 125 -2.31 1.49 -21.97
C ALA B 125 -1.10 2.28 -21.49
N ALA B 126 -1.16 2.76 -20.25
CA ALA B 126 -0.08 3.57 -19.67
C ALA B 126 1.22 2.79 -19.50
N TYR B 127 1.10 1.49 -19.29
CA TYR B 127 2.26 0.62 -19.11
C TYR B 127 3.15 0.61 -20.35
N TYR B 128 2.53 0.54 -21.52
CA TYR B 128 3.28 0.43 -22.78
C TYR B 128 3.82 1.76 -23.30
N LEU B 129 2.96 2.78 -23.31
CA LEU B 129 3.29 4.08 -23.88
C LEU B 129 4.46 4.76 -23.17
N ASN B 130 4.52 4.57 -21.85
CA ASN B 130 5.63 5.07 -21.04
C ASN B 130 6.95 4.34 -21.30
N ASP B 131 6.86 3.15 -21.90
CA ASP B 131 8.02 2.31 -22.15
C ASP B 131 8.43 2.23 -23.61
N LEU B 132 7.94 3.17 -24.43
CA LEU B 132 8.19 3.13 -25.89
C LEU B 132 9.65 2.94 -26.29
N ASP B 133 10.54 3.74 -25.70
CA ASP B 133 11.98 3.64 -25.99
C ASP B 133 12.52 2.20 -25.87
N ARG B 134 11.91 1.41 -25.01
CA ARG B 134 12.29 0.02 -24.82
C ARG B 134 11.56 -0.89 -25.81
N ILE B 135 10.28 -0.64 -26.02
CA ILE B 135 9.43 -1.42 -26.92
C ILE B 135 9.81 -1.23 -28.40
N ALA B 136 10.19 0.00 -28.75
CA ALA B 136 10.43 0.38 -30.15
C ALA B 136 11.74 -0.14 -30.73
N GLN B 137 12.71 -0.46 -29.87
CA GLN B 137 14.01 -0.93 -30.32
C GLN B 137 13.88 -2.19 -31.20
N PRO B 138 14.68 -2.26 -32.29
CA PRO B 138 14.54 -3.31 -33.31
C PRO B 138 14.74 -4.74 -32.80
N ASN B 139 15.58 -4.90 -31.78
CA ASN B 139 15.90 -6.22 -31.23
C ASN B 139 15.18 -6.53 -29.92
N TYR B 140 14.03 -5.89 -29.71
CA TYR B 140 13.24 -6.06 -28.51
C TYR B 140 12.55 -7.42 -28.47
N ILE B 141 12.66 -8.08 -27.32
CA ILE B 141 11.90 -9.30 -27.03
C ILE B 141 11.16 -9.09 -25.72
N PRO B 142 9.81 -9.20 -25.75
CA PRO B 142 8.96 -8.92 -24.59
C PRO B 142 9.41 -9.65 -23.32
N THR B 143 9.51 -8.89 -22.23
CA THR B 143 9.88 -9.45 -20.93
C THR B 143 8.72 -10.24 -20.36
N GLN B 144 8.99 -10.99 -19.30
N GLN B 144 9.01 -10.99 -19.30
CA GLN B 144 7.94 -11.74 -18.58
CA GLN B 144 8.01 -11.74 -18.54
C GLN B 144 6.79 -10.83 -18.21
C GLN B 144 6.82 -10.85 -18.15
N GLN B 145 7.12 -9.65 -17.69
CA GLN B 145 6.11 -8.66 -17.28
C GLN B 145 5.35 -8.06 -18.48
N ASP B 146 6.03 -7.99 -19.62
CA ASP B 146 5.42 -7.50 -20.87
C ASP B 146 4.35 -8.46 -21.40
N VAL B 147 4.66 -9.75 -21.41
CA VAL B 147 3.74 -10.78 -21.88
C VAL B 147 2.50 -10.80 -20.99
N LEU B 148 2.70 -10.49 -19.72
CA LEU B 148 1.63 -10.44 -18.73
C LEU B 148 0.61 -9.35 -19.05
N ARG B 149 1.09 -8.26 -19.66
CA ARG B 149 0.26 -7.09 -19.91
C ARG B 149 -0.37 -7.05 -21.31
N THR B 150 -0.10 -8.06 -22.13
CA THR B 150 -0.66 -8.15 -23.48
C THR B 150 -2.14 -8.52 -23.45
N ARG B 151 -2.91 -7.89 -24.33
CA ARG B 151 -4.36 -8.08 -24.39
C ARG B 151 -4.79 -8.77 -25.68
N VAL B 152 -5.17 -10.04 -25.56
CA VAL B 152 -5.55 -10.87 -26.71
C VAL B 152 -7.06 -11.07 -26.74
N LYS B 153 -7.61 -11.34 -27.92
CA LYS B 153 -9.05 -11.58 -28.07
C LYS B 153 -9.46 -12.89 -27.43
N THR B 154 -10.41 -12.81 -26.50
CA THR B 154 -10.86 -13.99 -25.75
C THR B 154 -11.63 -14.95 -26.66
N THR B 155 -11.32 -16.24 -26.53
CA THR B 155 -12.02 -17.30 -27.26
C THR B 155 -12.56 -18.31 -26.26
N GLY B 156 -13.81 -18.72 -26.48
CA GLY B 156 -14.48 -19.72 -25.65
C GLY B 156 -14.04 -19.71 -24.20
N ILE B 157 -13.42 -20.82 -23.78
CA ILE B 157 -12.92 -20.94 -22.41
C ILE B 157 -11.40 -21.04 -22.44
N VAL B 158 -10.75 -20.32 -21.52
CA VAL B 158 -9.30 -20.42 -21.33
C VAL B 158 -9.06 -21.34 -20.14
N GLU B 159 -8.01 -22.17 -20.23
CA GLU B 159 -7.70 -23.13 -19.18
C GLU B 159 -6.19 -23.21 -18.89
N THR B 160 -5.85 -23.53 -17.64
CA THR B 160 -4.47 -23.75 -17.24
C THR B 160 -4.34 -24.87 -16.20
N HIS B 161 -3.31 -25.70 -16.36
CA HIS B 161 -3.02 -26.80 -15.44
C HIS B 161 -1.78 -26.49 -14.63
N PHE B 162 -1.81 -26.78 -13.33
CA PHE B 162 -0.61 -26.73 -12.50
C PHE B 162 -0.75 -27.54 -11.22
N THR B 163 0.38 -28.03 -10.71
CA THR B 163 0.43 -28.74 -9.44
C THR B 163 1.04 -27.84 -8.35
N PHE B 164 0.30 -27.68 -7.26
CA PHE B 164 0.72 -26.82 -6.15
C PHE B 164 0.30 -27.45 -4.84
N LYS B 165 1.26 -27.59 -3.93
CA LYS B 165 1.04 -28.24 -2.63
C LYS B 165 0.30 -29.58 -2.79
N ASP B 166 0.83 -30.44 -3.67
CA ASP B 166 0.29 -31.77 -3.94
C ASP B 166 -1.18 -31.78 -4.42
N LEU B 167 -1.58 -30.75 -5.15
CA LEU B 167 -2.94 -30.67 -5.69
C LEU B 167 -2.95 -30.41 -7.18
N HIS B 168 -3.82 -31.11 -7.90
CA HIS B 168 -3.96 -30.92 -9.35
C HIS B 168 -5.00 -29.83 -9.64
N PHE B 169 -4.50 -28.63 -9.96
CA PHE B 169 -5.35 -27.47 -10.21
C PHE B 169 -5.77 -27.33 -11.67
N LYS B 170 -7.04 -27.06 -11.88
CA LYS B 170 -7.58 -26.71 -13.20
C LYS B 170 -8.40 -25.43 -13.08
N MET B 171 -7.88 -24.35 -13.67
CA MET B 171 -8.48 -23.02 -13.56
C MET B 171 -9.16 -22.60 -14.86
N PHE B 172 -10.42 -22.17 -14.75
CA PHE B 172 -11.24 -21.86 -15.91
C PHE B 172 -11.60 -20.37 -15.98
N ASP B 173 -11.53 -19.80 -17.19
CA ASP B 173 -11.99 -18.44 -17.45
C ASP B 173 -12.85 -18.38 -18.71
N VAL B 174 -14.07 -17.89 -18.57
CA VAL B 174 -15.06 -17.92 -19.65
C VAL B 174 -15.38 -16.51 -20.16
N GLY B 175 -15.17 -15.52 -19.31
CA GLY B 175 -15.63 -14.13 -19.51
C GLY B 175 -15.39 -13.50 -20.87
N GLY B 176 -16.30 -12.62 -21.27
CA GLY B 176 -16.20 -11.90 -22.53
C GLY B 176 -16.96 -12.61 -23.63
N GLN B 177 -16.54 -13.83 -23.92
CA GLN B 177 -17.23 -14.69 -24.87
C GLN B 177 -18.63 -14.99 -24.34
N ARG B 178 -19.64 -14.54 -25.09
CA ARG B 178 -21.03 -14.79 -24.73
C ARG B 178 -21.35 -16.27 -24.97
N SER B 179 -21.20 -17.06 -23.91
CA SER B 179 -21.27 -18.53 -24.01
C SER B 179 -22.67 -19.10 -23.85
N GLU B 180 -22.89 -20.23 -24.53
CA GLU B 180 -24.14 -21.01 -24.46
C GLU B 180 -24.43 -21.46 -23.01
N ARG B 181 -25.71 -21.54 -22.68
CA ARG B 181 -26.19 -21.98 -21.36
C ARG B 181 -25.65 -23.37 -20.99
N LYS B 182 -25.57 -24.25 -21.98
CA LYS B 182 -25.10 -25.63 -21.79
C LYS B 182 -23.58 -25.74 -21.69
N LYS B 183 -22.86 -24.72 -22.15
CA LYS B 183 -21.40 -24.66 -22.00
C LYS B 183 -21.03 -23.97 -20.69
N TRP B 184 -21.99 -23.24 -20.12
CA TRP B 184 -21.84 -22.64 -18.79
C TRP B 184 -21.93 -23.70 -17.69
N ILE B 185 -22.85 -24.65 -17.86
CA ILE B 185 -23.06 -25.75 -16.92
C ILE B 185 -21.79 -26.60 -16.77
N HIS B 186 -21.13 -26.90 -17.89
CA HIS B 186 -19.87 -27.64 -17.89
C HIS B 186 -18.79 -26.97 -17.04
N CYS B 187 -18.93 -25.66 -16.80
CA CYS B 187 -17.98 -24.92 -15.98
C CYS B 187 -18.37 -24.86 -14.51
N PHE B 188 -19.66 -24.99 -14.22
CA PHE B 188 -20.15 -24.99 -12.84
C PHE B 188 -20.03 -26.37 -12.19
N GLU B 189 -20.19 -27.41 -13.00
CA GLU B 189 -20.18 -28.79 -12.50
C GLU B 189 -18.87 -29.13 -11.80
N GLY B 190 -18.99 -29.52 -10.52
CA GLY B 190 -17.86 -29.93 -9.71
C GLY B 190 -16.81 -28.87 -9.45
N VAL B 191 -17.25 -27.60 -9.37
CA VAL B 191 -16.33 -26.51 -9.08
C VAL B 191 -16.04 -26.44 -7.58
N THR B 192 -14.76 -26.51 -7.22
CA THR B 192 -14.32 -26.49 -5.83
C THR B 192 -14.46 -25.10 -5.23
N ALA B 193 -13.92 -24.10 -5.93
CA ALA B 193 -13.99 -22.73 -5.45
C ALA B 193 -14.06 -21.74 -6.60
N ILE B 194 -14.89 -20.72 -6.42
CA ILE B 194 -15.03 -19.62 -7.37
C ILE B 194 -14.12 -18.47 -6.94
N ILE B 195 -13.35 -17.94 -7.89
CA ILE B 195 -12.56 -16.74 -7.64
C ILE B 195 -13.18 -15.61 -8.44
N PHE B 196 -14.04 -14.84 -7.76
CA PHE B 196 -14.72 -13.69 -8.35
C PHE B 196 -13.84 -12.44 -8.27
N CYS B 197 -13.65 -11.77 -9.40
CA CYS B 197 -12.77 -10.60 -9.44
C CYS B 197 -13.55 -9.31 -9.56
N VAL B 198 -13.09 -8.28 -8.85
CA VAL B 198 -13.72 -6.97 -8.90
C VAL B 198 -12.64 -5.91 -9.11
N ALA B 199 -12.87 -5.04 -10.09
CA ALA B 199 -11.93 -3.95 -10.34
C ALA B 199 -12.27 -2.75 -9.46
N LEU B 200 -11.58 -2.63 -8.33
CA LEU B 200 -11.80 -1.51 -7.43
C LEU B 200 -11.78 -0.16 -8.15
N SER B 201 -10.85 0.01 -9.09
CA SER B 201 -10.69 1.29 -9.78
C SER B 201 -11.85 1.60 -10.70
N ASP B 202 -12.81 0.68 -10.80
CA ASP B 202 -14.01 0.91 -11.62
C ASP B 202 -15.04 1.79 -10.93
N TYR B 203 -14.79 2.15 -9.67
CA TYR B 203 -15.77 2.89 -8.88
C TYR B 203 -16.13 4.27 -9.46
N ASP B 204 -15.20 4.92 -10.14
CA ASP B 204 -15.44 6.28 -10.63
C ASP B 204 -15.84 6.38 -12.10
N LEU B 205 -15.95 5.24 -12.79
CA LEU B 205 -16.38 5.21 -14.18
C LEU B 205 -17.74 5.88 -14.32
N VAL B 206 -17.88 6.71 -15.34
CA VAL B 206 -19.11 7.46 -15.55
C VAL B 206 -20.07 6.70 -16.48
N LEU B 207 -21.33 6.63 -16.03
CA LEU B 207 -22.45 5.90 -16.68
C LEU B 207 -22.63 6.12 -18.19
N ALA B 208 -22.92 5.02 -18.89
CA ALA B 208 -23.25 5.06 -20.32
C ALA B 208 -24.76 5.13 -20.53
N GLU B 209 -25.17 5.39 -21.77
CA GLU B 209 -26.58 5.56 -22.12
C GLU B 209 -27.45 4.30 -21.97
N ASP B 210 -26.81 3.14 -22.00
CA ASP B 210 -27.50 1.85 -21.92
C ASP B 210 -27.70 1.38 -20.47
N GLU B 211 -26.71 1.65 -19.62
CA GLU B 211 -26.74 1.15 -18.24
C GLU B 211 -27.65 1.95 -17.32
N GLU B 212 -28.10 1.29 -16.26
CA GLU B 212 -29.08 1.84 -15.32
C GLU B 212 -28.56 1.80 -13.88
N MET B 213 -27.28 1.47 -13.74
CA MET B 213 -26.55 1.53 -12.47
C MET B 213 -25.07 1.56 -12.77
N ASN B 214 -24.28 2.22 -11.91
CA ASN B 214 -22.83 2.27 -12.12
C ASN B 214 -22.18 0.88 -12.12
N ARG B 215 -20.99 0.80 -12.70
CA ARG B 215 -20.31 -0.48 -12.95
C ARG B 215 -20.05 -1.33 -11.73
N MET B 216 -19.69 -0.67 -10.63
CA MET B 216 -19.45 -1.35 -9.36
C MET B 216 -20.70 -2.09 -8.88
N HIS B 217 -21.86 -1.44 -9.03
CA HIS B 217 -23.13 -2.03 -8.64
C HIS B 217 -23.61 -3.11 -9.61
N GLU B 218 -23.10 -3.08 -10.84
CA GLU B 218 -23.33 -4.16 -11.78
C GLU B 218 -22.48 -5.38 -11.40
N SER B 219 -21.23 -5.14 -11.04
CA SER B 219 -20.37 -6.22 -10.54
C SER B 219 -20.94 -6.78 -9.24
N MET B 220 -21.55 -5.90 -8.45
CA MET B 220 -22.27 -6.30 -7.23
C MET B 220 -23.47 -7.18 -7.53
N LYS B 221 -24.35 -6.73 -8.43
CA LYS B 221 -25.56 -7.49 -8.74
C LYS B 221 -25.24 -8.87 -9.32
N LEU B 222 -24.06 -8.99 -9.94
CA LEU B 222 -23.61 -10.30 -10.42
C LEU B 222 -23.20 -11.17 -9.24
N PHE B 223 -22.41 -10.58 -8.33
CA PHE B 223 -21.95 -11.28 -7.14
C PHE B 223 -23.14 -11.76 -6.32
N ASP B 224 -24.11 -10.87 -6.08
CA ASP B 224 -25.34 -11.21 -5.38
C ASP B 224 -26.05 -12.44 -5.97
N SER B 225 -25.75 -12.75 -7.24
CA SER B 225 -26.32 -13.92 -7.91
C SER B 225 -25.42 -15.15 -7.81
N ILE B 226 -24.11 -14.97 -8.02
CA ILE B 226 -23.15 -16.08 -7.89
C ILE B 226 -23.14 -16.58 -6.45
N CYS B 227 -23.07 -15.63 -5.52
CA CYS B 227 -22.94 -15.90 -4.10
C CYS B 227 -24.15 -16.64 -3.52
N ASN B 228 -25.35 -16.22 -3.91
CA ASN B 228 -26.59 -16.76 -3.34
C ASN B 228 -27.29 -17.76 -4.25
N ASN B 229 -26.54 -18.40 -5.16
CA ASN B 229 -27.14 -19.39 -6.04
C ASN B 229 -27.21 -20.77 -5.40
N LYS B 230 -28.24 -21.53 -5.78
CA LYS B 230 -28.43 -22.90 -5.30
C LYS B 230 -27.29 -23.83 -5.74
N TRP B 231 -26.73 -23.54 -6.91
CA TRP B 231 -25.58 -24.29 -7.44
C TRP B 231 -24.35 -24.17 -6.55
N PHE B 232 -24.18 -23.02 -5.92
CA PHE B 232 -23.02 -22.76 -5.08
C PHE B 232 -23.41 -22.56 -3.62
N THR B 233 -23.51 -23.67 -2.90
CA THR B 233 -23.73 -23.65 -1.46
C THR B 233 -22.57 -24.38 -0.79
N ASP B 234 -22.14 -25.48 -1.41
CA ASP B 234 -20.99 -26.24 -0.96
C ASP B 234 -19.75 -25.82 -1.75
N THR B 235 -19.69 -24.55 -2.14
CA THR B 235 -18.60 -24.01 -2.94
C THR B 235 -17.98 -22.80 -2.27
N SER B 236 -16.65 -22.79 -2.18
CA SER B 236 -15.93 -21.67 -1.58
C SER B 236 -15.96 -20.45 -2.51
N ILE B 237 -16.46 -19.34 -2.01
CA ILE B 237 -16.49 -18.09 -2.78
C ILE B 237 -15.33 -17.17 -2.37
N ILE B 238 -14.31 -17.12 -3.22
CA ILE B 238 -13.15 -16.25 -3.01
C ILE B 238 -13.37 -14.95 -3.78
N LEU B 239 -13.15 -13.82 -3.11
CA LEU B 239 -13.33 -12.53 -3.73
C LEU B 239 -12.01 -11.77 -3.81
N PHE B 240 -11.57 -11.51 -5.04
CA PHE B 240 -10.38 -10.69 -5.26
C PHE B 240 -10.88 -9.29 -5.54
N LEU B 241 -10.65 -8.37 -4.60
CA LEU B 241 -10.86 -6.95 -4.91
C LEU B 241 -9.58 -6.44 -5.56
N ASN B 242 -9.54 -6.57 -6.89
CA ASN B 242 -8.34 -6.31 -7.68
C ASN B 242 -8.14 -4.84 -8.05
N LYS B 243 -7.01 -4.54 -8.68
CA LYS B 243 -6.65 -3.19 -9.13
C LYS B 243 -6.53 -2.20 -7.98
N LYS B 244 -6.14 -2.72 -6.82
CA LYS B 244 -6.00 -1.93 -5.60
C LYS B 244 -4.94 -0.83 -5.73
N ASP B 245 -3.99 -1.02 -6.64
CA ASP B 245 -2.94 -0.03 -6.89
C ASP B 245 -3.52 1.22 -7.51
N LEU B 246 -4.36 1.00 -8.52
CA LEU B 246 -5.01 2.10 -9.23
C LEU B 246 -6.07 2.71 -8.34
N PHE B 247 -6.77 1.84 -7.61
CA PHE B 247 -7.80 2.31 -6.69
C PHE B 247 -7.24 3.25 -5.64
N GLU B 248 -6.03 2.96 -5.17
CA GLU B 248 -5.42 3.79 -4.14
C GLU B 248 -5.10 5.16 -4.69
N GLU B 249 -4.59 5.20 -5.92
CA GLU B 249 -4.25 6.44 -6.60
C GLU B 249 -5.47 7.26 -6.98
N LYS B 250 -6.54 6.56 -7.38
CA LYS B 250 -7.78 7.20 -7.79
C LYS B 250 -8.47 7.88 -6.60
N ILE B 251 -8.46 7.20 -5.47
CA ILE B 251 -9.18 7.67 -4.31
C ILE B 251 -8.57 8.96 -3.75
N LYS B 252 -7.40 9.32 -4.24
CA LYS B 252 -6.74 10.56 -3.81
C LYS B 252 -7.45 11.79 -4.33
N LYS B 253 -8.07 11.66 -5.51
CA LYS B 253 -8.69 12.78 -6.21
C LYS B 253 -10.20 12.63 -6.43
N SER B 254 -10.66 11.39 -6.61
CA SER B 254 -12.08 11.13 -6.87
C SER B 254 -12.72 10.37 -5.71
N PRO B 255 -13.60 11.04 -4.93
CA PRO B 255 -14.21 10.43 -3.75
C PRO B 255 -15.08 9.20 -4.04
N LEU B 256 -15.04 8.23 -3.12
CA LEU B 256 -15.83 7.01 -3.20
C LEU B 256 -17.31 7.34 -3.17
N THR B 257 -17.60 8.60 -2.85
CA THR B 257 -18.96 9.07 -2.86
C THR B 257 -19.51 9.25 -4.29
N ILE B 258 -18.62 9.19 -5.29
CA ILE B 258 -19.02 9.10 -6.70
C ILE B 258 -19.75 7.79 -6.99
N CYS B 259 -19.47 6.76 -6.19
CA CYS B 259 -19.97 5.42 -6.47
C CYS B 259 -21.04 4.97 -5.47
N TYR B 260 -20.88 5.39 -4.23
CA TYR B 260 -21.83 5.08 -3.16
C TYR B 260 -22.22 6.40 -2.50
N PRO B 261 -23.17 7.14 -3.09
CA PRO B 261 -23.40 8.51 -2.65
C PRO B 261 -23.77 8.63 -1.18
N GLU B 262 -24.03 7.48 -0.55
CA GLU B 262 -24.45 7.42 0.85
C GLU B 262 -23.26 7.19 1.81
N TYR B 263 -22.05 7.06 1.25
CA TYR B 263 -20.84 6.79 2.01
C TYR B 263 -20.38 8.00 2.84
N ALA B 264 -20.33 7.80 4.16
CA ALA B 264 -20.03 8.88 5.12
C ALA B 264 -18.60 8.89 5.63
N GLY B 265 -17.81 7.87 5.27
CA GLY B 265 -16.43 7.76 5.72
C GLY B 265 -15.48 8.71 5.02
N SER B 266 -14.23 8.74 5.47
CA SER B 266 -13.20 9.59 4.88
C SER B 266 -12.71 9.02 3.55
N ASN B 267 -12.06 9.88 2.75
CA ASN B 267 -11.53 9.42 1.46
C ASN B 267 -10.10 8.93 1.53
N THR B 268 -9.82 8.16 2.58
CA THR B 268 -8.58 7.42 2.71
C THR B 268 -8.75 6.10 1.96
N TYR B 269 -7.66 5.56 1.44
CA TYR B 269 -7.71 4.31 0.69
C TYR B 269 -8.22 3.17 1.54
N GLU B 270 -7.69 3.07 2.75
CA GLU B 270 -7.96 1.96 3.67
C GLU B 270 -9.42 1.84 4.07
N GLU B 271 -10.04 2.97 4.43
CA GLU B 271 -11.45 2.98 4.81
C GLU B 271 -12.37 2.65 3.64
N ALA B 272 -12.10 3.25 2.48
CA ALA B 272 -12.89 3.04 1.27
C ALA B 272 -12.75 1.60 0.77
N ALA B 273 -11.52 1.09 0.73
CA ALA B 273 -11.27 -0.30 0.37
C ALA B 273 -12.10 -1.24 1.23
N ALA B 274 -12.09 -0.99 2.53
CA ALA B 274 -12.81 -1.82 3.48
C ALA B 274 -14.31 -1.66 3.32
N TYR B 275 -14.75 -0.47 2.91
CA TYR B 275 -16.17 -0.20 2.71
C TYR B 275 -16.71 -0.96 1.51
N ILE B 276 -15.95 -0.96 0.41
CA ILE B 276 -16.32 -1.71 -0.79
C ILE B 276 -16.43 -3.18 -0.42
N GLN B 277 -15.44 -3.68 0.31
CA GLN B 277 -15.42 -5.05 0.77
C GLN B 277 -16.74 -5.41 1.47
N CYS B 278 -17.18 -4.54 2.37
CA CYS B 278 -18.44 -4.74 3.07
C CYS B 278 -19.62 -4.85 2.13
N GLN B 279 -19.63 -4.03 1.08
CA GLN B 279 -20.75 -3.99 0.14
C GLN B 279 -20.96 -5.30 -0.59
N PHE B 280 -19.86 -5.93 -1.01
CA PHE B 280 -19.94 -7.22 -1.68
C PHE B 280 -20.21 -8.34 -0.70
N GLU B 281 -19.55 -8.31 0.45
CA GLU B 281 -19.71 -9.35 1.46
C GLU B 281 -21.13 -9.38 2.04
N ASP B 282 -21.78 -8.22 2.11
CA ASP B 282 -23.13 -8.11 2.66
C ASP B 282 -24.22 -8.72 1.77
N LEU B 283 -23.86 -9.08 0.54
CA LEU B 283 -24.81 -9.67 -0.39
C LEU B 283 -25.04 -11.16 -0.07
N ASN B 284 -24.17 -11.70 0.78
CA ASN B 284 -24.28 -13.08 1.27
C ASN B 284 -25.48 -13.26 2.21
N LYS B 285 -26.56 -13.82 1.68
CA LYS B 285 -27.79 -14.02 2.47
C LYS B 285 -27.61 -15.10 3.55
N ARG B 286 -26.64 -15.99 3.33
CA ARG B 286 -26.33 -17.05 4.29
C ARG B 286 -24.98 -16.82 4.97
N LYS B 287 -25.03 -16.29 6.19
CA LYS B 287 -23.84 -16.14 7.04
C LYS B 287 -23.72 -17.31 8.02
N ASP B 288 -24.87 -17.94 8.31
CA ASP B 288 -24.94 -19.12 9.18
C ASP B 288 -24.49 -20.39 8.46
N THR B 289 -24.35 -20.33 7.14
CA THR B 289 -24.01 -21.51 6.32
C THR B 289 -22.78 -21.27 5.44
N LYS B 290 -22.36 -20.01 5.33
CA LYS B 290 -21.34 -19.64 4.35
C LYS B 290 -20.57 -18.37 4.75
N GLU B 291 -19.32 -18.32 4.32
CA GLU B 291 -18.42 -17.19 4.58
C GLU B 291 -17.63 -16.91 3.31
N ILE B 292 -17.33 -15.63 3.07
CA ILE B 292 -16.64 -15.22 1.86
C ILE B 292 -15.18 -14.86 2.18
N TYR B 293 -14.25 -15.47 1.44
CA TYR B 293 -12.83 -15.21 1.62
C TYR B 293 -12.37 -14.09 0.72
N THR B 294 -12.05 -12.95 1.32
CA THR B 294 -11.74 -11.72 0.59
C THR B 294 -10.25 -11.41 0.61
N HIS B 295 -9.72 -11.00 -0.54
CA HIS B 295 -8.32 -10.58 -0.65
C HIS B 295 -8.21 -9.33 -1.52
N PHE B 296 -7.42 -8.37 -1.07
CA PHE B 296 -7.14 -7.19 -1.88
C PHE B 296 -5.88 -7.46 -2.71
N THR B 297 -6.09 -7.63 -4.02
CA THR B 297 -5.02 -8.09 -4.92
C THR B 297 -4.55 -7.01 -5.86
N CYS B 298 -3.42 -7.27 -6.50
CA CYS B 298 -2.96 -6.51 -7.67
C CYS B 298 -2.48 -7.50 -8.72
N ALA B 299 -3.41 -7.94 -9.59
CA ALA B 299 -3.17 -9.09 -10.47
C ALA B 299 -1.91 -9.01 -11.32
N THR B 300 -1.45 -7.80 -11.63
CA THR B 300 -0.24 -7.60 -12.44
C THR B 300 1.04 -7.76 -11.62
N ASP B 301 0.87 -7.79 -10.30
CA ASP B 301 1.96 -7.92 -9.34
C ASP B 301 2.17 -9.39 -8.99
N THR B 302 3.12 -10.02 -9.68
CA THR B 302 3.39 -11.45 -9.51
C THR B 302 3.59 -11.83 -8.04
N LYS B 303 4.41 -11.06 -7.33
CA LYS B 303 4.68 -11.30 -5.92
C LYS B 303 3.41 -11.30 -5.09
N ASN B 304 2.57 -10.27 -5.27
CA ASN B 304 1.31 -10.15 -4.54
C ASN B 304 0.35 -11.29 -4.84
N VAL B 305 0.25 -11.68 -6.11
CA VAL B 305 -0.64 -12.77 -6.53
C VAL B 305 -0.17 -14.09 -5.95
N GLN B 306 1.16 -14.26 -5.88
CA GLN B 306 1.77 -15.45 -5.31
C GLN B 306 1.36 -15.61 -3.85
N PHE B 307 1.51 -14.53 -3.08
CA PHE B 307 1.11 -14.51 -1.68
C PHE B 307 -0.36 -14.87 -1.54
N VAL B 308 -1.21 -14.13 -2.25
CA VAL B 308 -2.65 -14.31 -2.17
C VAL B 308 -3.09 -15.73 -2.54
N PHE B 309 -2.63 -16.24 -3.68
CA PHE B 309 -3.02 -17.59 -4.09
C PHE B 309 -2.55 -18.64 -3.10
N ASP B 310 -1.41 -18.37 -2.47
CA ASP B 310 -0.90 -19.23 -1.40
C ASP B 310 -1.92 -19.30 -0.26
N ALA B 311 -2.42 -18.14 0.16
CA ALA B 311 -3.44 -18.04 1.20
C ALA B 311 -4.75 -18.71 0.76
N VAL B 312 -5.05 -18.60 -0.53
CA VAL B 312 -6.25 -19.23 -1.10
C VAL B 312 -6.13 -20.75 -1.05
N THR B 313 -4.94 -21.26 -1.38
CA THR B 313 -4.70 -22.71 -1.41
C THR B 313 -4.87 -23.32 -0.02
N ASP B 314 -4.40 -22.61 0.99
CA ASP B 314 -4.51 -23.07 2.38
C ASP B 314 -5.96 -23.21 2.83
N VAL B 315 -6.80 -22.28 2.38
CA VAL B 315 -8.25 -22.36 2.59
C VAL B 315 -8.81 -23.63 1.94
N ILE B 316 -8.48 -23.86 0.67
CA ILE B 316 -8.97 -25.04 -0.06
C ILE B 316 -8.53 -26.34 0.63
N ILE B 317 -7.29 -26.37 1.11
CA ILE B 317 -6.74 -27.54 1.80
C ILE B 317 -7.60 -27.95 3.00
N LYS B 318 -7.86 -27.02 3.92
CA LYS B 318 -8.62 -27.34 5.12
C LYS B 318 -10.13 -27.35 4.92
N ASN B 319 -10.57 -27.25 3.66
CA ASN B 319 -12.00 -27.28 3.32
C ASN B 319 -12.41 -28.47 2.43
N ASN B 320 -11.49 -29.41 2.21
CA ASN B 320 -11.76 -30.60 1.39
C ASN B 320 -12.31 -31.76 2.21
N ASP C 1 -11.50 17.78 37.35
CA ASP C 1 -10.06 17.65 37.72
C ASP C 1 -9.12 17.96 36.56
N ILE C 2 -9.27 17.23 35.45
CA ILE C 2 -8.37 17.27 34.28
C ILE C 2 -6.94 16.89 34.74
N GLU C 3 -6.89 15.97 35.71
CA GLU C 3 -5.65 15.55 36.36
C GLU C 3 -5.32 14.10 36.02
N GLY C 4 -6.36 13.27 35.93
CA GLY C 4 -6.25 11.87 35.52
C GLY C 4 -5.68 11.73 34.11
N LEU C 5 -5.84 12.79 33.32
CA LEU C 5 -5.23 12.90 32.01
C LEU C 5 -3.71 13.01 32.15
N VAL C 6 -3.27 13.99 32.92
CA VAL C 6 -1.84 14.32 33.07
C VAL C 6 -1.02 13.12 33.54
N GLU C 7 -1.57 12.33 34.45
CA GLU C 7 -0.91 11.12 34.96
C GLU C 7 -0.71 10.07 33.86
N LEU C 8 -1.78 9.75 33.14
CA LEU C 8 -1.74 8.72 32.10
C LEU C 8 -1.07 9.22 30.82
N LEU C 9 -1.04 10.54 30.63
CA LEU C 9 -0.43 11.16 29.47
C LEU C 9 1.08 10.93 29.47
N ASN C 10 1.78 11.44 30.48
CA ASN C 10 3.23 11.26 30.53
C ASN C 10 3.72 9.89 31.02
N ARG C 11 2.78 8.95 31.20
CA ARG C 11 3.15 7.54 31.33
C ARG C 11 3.19 6.92 29.93
N VAL C 12 2.10 7.07 29.19
CA VAL C 12 1.94 6.50 27.84
C VAL C 12 2.88 7.16 26.85
N GLN C 13 3.11 8.46 27.00
CA GLN C 13 4.01 9.18 26.09
C GLN C 13 5.48 8.89 26.35
N SER C 14 5.78 8.38 27.54
CA SER C 14 7.14 7.97 27.90
C SER C 14 7.36 6.47 27.74
N SER C 15 6.47 5.82 26.98
CA SER C 15 6.60 4.39 26.68
C SER C 15 7.71 4.14 25.68
N GLY C 16 7.69 2.93 25.12
CA GLY C 16 8.60 2.56 24.04
C GLY C 16 10.00 2.19 24.48
N ALA C 17 10.80 1.75 23.52
CA ALA C 17 12.15 1.28 23.75
C ALA C 17 13.08 2.35 24.33
N HIS C 18 13.87 1.99 25.34
N HIS C 18 13.88 1.93 25.32
CA HIS C 18 14.93 2.91 25.77
CA HIS C 18 14.90 2.77 25.99
C HIS C 18 16.31 2.25 25.75
C HIS C 18 16.31 2.31 25.63
N ASP C 19 17.32 3.09 26.01
CA ASP C 19 18.74 2.79 25.70
C ASP C 19 18.95 2.73 24.19
N GLN C 20 18.19 3.56 23.48
CA GLN C 20 18.20 3.60 22.02
C GLN C 20 18.12 5.02 21.47
N ARG C 21 17.99 6.00 22.37
CA ARG C 21 18.02 7.41 21.99
C ARG C 21 19.31 8.09 22.43
N GLY C 22 19.84 8.95 21.57
CA GLY C 22 20.95 9.82 21.92
C GLY C 22 22.33 9.25 21.61
N LEU C 23 23.36 9.94 22.09
CA LEU C 23 24.75 9.55 21.86
C LEU C 23 25.16 8.40 22.77
N LEU C 24 25.98 7.50 22.24
CA LEU C 24 26.39 6.30 22.95
C LEU C 24 27.41 6.61 24.06
N SER C 25 26.97 6.46 25.31
CA SER C 25 27.82 6.77 26.45
C SER C 25 28.47 5.52 27.04
N ASN C 26 29.61 5.70 27.70
CA ASN C 26 30.37 4.60 28.29
C ASN C 26 29.59 3.85 29.36
N GLU C 27 28.74 4.56 30.10
CA GLU C 27 27.91 3.95 31.14
C GLU C 27 26.87 3.03 30.51
N GLU C 28 26.47 3.38 29.29
CA GLU C 28 25.51 2.60 28.52
C GLU C 28 26.13 1.32 27.95
N VAL C 29 27.37 1.45 27.46
CA VAL C 29 28.11 0.31 26.90
C VAL C 29 28.52 -0.66 28.01
N PHE C 30 28.80 -0.12 29.20
CA PHE C 30 29.13 -0.93 30.35
C PHE C 30 27.97 -1.80 30.79
N ARG C 31 26.78 -1.19 30.94
CA ARG C 31 25.60 -1.93 31.37
C ARG C 31 25.20 -2.97 30.32
N ALA C 32 25.51 -2.66 29.07
CA ALA C 32 25.26 -3.57 27.95
C ALA C 32 26.13 -4.81 28.07
N LEU C 33 27.40 -4.60 28.43
CA LEU C 33 28.38 -5.67 28.64
C LEU C 33 28.03 -6.50 29.87
N ARG C 34 27.77 -5.82 30.98
CA ARG C 34 27.42 -6.47 32.25
C ARG C 34 26.31 -7.48 32.04
N ASP C 35 25.27 -7.07 31.31
CA ASP C 35 24.17 -7.96 30.93
C ASP C 35 24.67 -9.13 30.10
N PHE C 36 25.47 -8.83 29.06
CA PHE C 36 25.97 -9.84 28.14
C PHE C 36 26.74 -10.95 28.84
N ASP C 37 27.39 -10.62 29.95
CA ASP C 37 28.13 -11.60 30.75
C ASP C 37 27.24 -12.60 31.51
N ARG C 38 25.96 -12.65 31.13
CA ARG C 38 25.04 -13.72 31.57
C ARG C 38 24.03 -14.08 30.45
N TRP C 39 24.39 -15.15 29.71
CA TRP C 39 23.85 -15.52 28.39
C TRP C 39 24.50 -14.68 27.29
N ASP D 1 -35.08 -21.64 -11.96
CA ASP D 1 -34.65 -21.36 -13.36
C ASP D 1 -33.14 -21.47 -13.54
N ILE D 2 -32.39 -20.69 -12.75
CA ILE D 2 -30.93 -20.54 -12.88
C ILE D 2 -30.60 -20.00 -14.29
N GLU D 3 -31.49 -19.16 -14.79
CA GLU D 3 -31.42 -18.63 -16.16
C GLU D 3 -31.15 -17.12 -16.15
N GLY D 4 -31.75 -16.43 -15.17
CA GLY D 4 -31.51 -15.00 -14.95
C GLY D 4 -30.05 -14.70 -14.64
N LEU D 5 -29.34 -15.72 -14.15
CA LEU D 5 -27.90 -15.65 -13.96
C LEU D 5 -27.19 -15.58 -15.31
N VAL D 6 -27.48 -16.55 -16.17
CA VAL D 6 -26.80 -16.70 -17.47
C VAL D 6 -26.91 -15.45 -18.33
N GLU D 7 -28.06 -14.79 -18.30
CA GLU D 7 -28.30 -13.55 -19.04
C GLU D 7 -27.40 -12.41 -18.55
N LEU D 8 -27.41 -12.18 -17.25
CA LEU D 8 -26.64 -11.09 -16.64
C LEU D 8 -25.14 -11.41 -16.53
N LEU D 9 -24.82 -12.70 -16.54
CA LEU D 9 -23.43 -13.14 -16.47
C LEU D 9 -22.66 -12.72 -17.71
N ASN D 10 -23.08 -13.20 -18.88
CA ASN D 10 -22.36 -12.86 -20.12
C ASN D 10 -22.68 -11.47 -20.69
N ARG D 11 -23.46 -10.67 -19.94
CA ARG D 11 -23.53 -9.24 -20.22
C ARG D 11 -22.42 -8.51 -19.45
N VAL D 12 -22.38 -8.76 -18.14
CA VAL D 12 -21.41 -8.12 -17.24
C VAL D 12 -19.98 -8.59 -17.52
N GLN D 13 -19.83 -9.86 -17.90
CA GLN D 13 -18.50 -10.40 -18.21
C GLN D 13 -17.96 -9.93 -19.55
N SER D 14 -18.87 -9.47 -20.42
CA SER D 14 -18.49 -8.93 -21.73
C SER D 14 -18.43 -7.39 -21.71
N SER D 15 -18.35 -6.82 -20.51
CA SER D 15 -18.21 -5.37 -20.36
C SER D 15 -16.81 -4.90 -20.72
N GLY D 16 -16.51 -3.67 -20.32
CA GLY D 16 -15.17 -3.11 -20.47
C GLY D 16 -14.84 -2.61 -21.84
N ALA D 17 -13.66 -2.01 -21.97
CA ALA D 17 -13.19 -1.38 -23.19
C ALA D 17 -13.05 -2.36 -24.36
N HIS D 18 -13.52 -1.97 -25.54
N HIS D 18 -13.50 -1.91 -25.53
CA HIS D 18 -13.18 -2.77 -26.72
CA HIS D 18 -13.41 -2.66 -26.79
C HIS D 18 -12.53 -1.95 -27.83
C HIS D 18 -12.41 -1.99 -27.75
N ASP D 19 -12.09 -2.67 -28.86
CA ASP D 19 -11.12 -2.17 -29.86
C ASP D 19 -9.75 -1.98 -29.21
N GLN D 20 -9.46 -2.85 -28.25
CA GLN D 20 -8.23 -2.78 -27.47
C GLN D 20 -7.63 -4.17 -27.20
N ARG D 21 -8.33 -5.21 -27.65
CA ARG D 21 -7.81 -6.58 -27.56
C ARG D 21 -7.41 -7.11 -28.92
N GLY D 22 -6.29 -7.85 -28.96
CA GLY D 22 -5.88 -8.58 -30.15
C GLY D 22 -4.96 -7.82 -31.08
N LEU D 23 -4.73 -8.41 -32.25
CA LEU D 23 -3.85 -7.84 -33.27
C LEU D 23 -4.54 -6.70 -34.03
N LEU D 24 -3.76 -5.67 -34.36
CA LEU D 24 -4.29 -4.48 -35.00
C LEU D 24 -4.63 -4.74 -36.47
N SER D 25 -5.93 -4.74 -36.79
CA SER D 25 -6.40 -5.00 -38.14
C SER D 25 -6.70 -3.72 -38.91
N ASN D 26 -6.62 -3.80 -40.24
CA ASN D 26 -6.85 -2.66 -41.12
C ASN D 26 -8.26 -2.08 -40.99
N GLU D 27 -9.23 -2.95 -40.74
CA GLU D 27 -10.63 -2.53 -40.57
C GLU D 27 -10.77 -1.69 -39.29
N GLU D 28 -9.91 -2.00 -38.32
CA GLU D 28 -9.89 -1.31 -37.04
C GLU D 28 -9.24 0.07 -37.17
N VAL D 29 -8.16 0.14 -37.94
CA VAL D 29 -7.44 1.41 -38.18
C VAL D 29 -8.27 2.34 -39.05
N PHE D 30 -9.04 1.76 -39.97
CA PHE D 30 -9.93 2.53 -40.83
C PHE D 30 -11.03 3.20 -40.02
N ARG D 31 -11.71 2.43 -39.16
CA ARG D 31 -12.80 2.99 -38.36
C ARG D 31 -12.26 4.03 -37.37
N ALA D 32 -11.01 3.85 -36.97
CA ALA D 32 -10.32 4.80 -36.10
C ALA D 32 -10.12 6.14 -36.81
N LEU D 33 -9.72 6.07 -38.07
CA LEU D 33 -9.51 7.24 -38.93
C LEU D 33 -10.82 7.93 -39.26
N ARG D 34 -11.81 7.15 -39.69
CA ARG D 34 -13.13 7.65 -40.03
C ARG D 34 -13.68 8.54 -38.92
N ASP D 35 -13.58 8.04 -37.68
CA ASP D 35 -13.96 8.81 -36.50
C ASP D 35 -13.14 10.08 -36.38
N PHE D 36 -11.81 9.95 -36.50
CA PHE D 36 -10.89 11.08 -36.35
C PHE D 36 -11.22 12.23 -37.29
N ASP D 37 -11.75 11.91 -38.47
CA ASP D 37 -12.15 12.92 -39.45
C ASP D 37 -13.39 13.74 -39.05
N ARG D 38 -13.77 13.66 -37.78
CA ARG D 38 -14.75 14.56 -37.17
C ARG D 38 -14.40 14.87 -35.69
N TRP D 39 -13.74 16.02 -35.52
CA TRP D 39 -12.96 16.42 -34.32
C TRP D 39 -11.59 15.75 -34.33
PB GDP E . 8.10 9.40 19.01
O1B GDP E . 7.68 10.83 19.28
O2B GDP E . 7.06 8.71 18.18
O3B GDP E . 8.20 8.65 20.32
O3A GDP E . 9.53 9.41 18.27
PA GDP E . 9.70 8.80 16.80
O1A GDP E . 11.11 9.00 16.30
O2A GDP E . 8.74 9.47 15.85
O5' GDP E . 9.39 7.23 17.04
C5' GDP E . 9.19 6.35 15.96
C4' GDP E . 10.46 5.58 15.57
O4' GDP E . 10.15 4.61 14.58
C3' GDP E . 11.51 6.44 14.92
O3' GDP E . 12.77 5.78 15.10
C2' GDP E . 11.16 6.45 13.45
O2' GDP E . 12.31 6.52 12.60
C1' GDP E . 10.42 5.13 13.27
N9 GDP E . 9.14 5.35 12.52
C8 GDP E . 8.21 6.30 12.76
N7 GDP E . 7.19 6.21 11.88
C5 GDP E . 7.47 5.19 11.06
C6 GDP E . 6.80 4.55 9.91
O6 GDP E . 5.70 4.99 9.52
N1 GDP E . 7.41 3.51 9.32
C2 GDP E . 8.59 3.04 9.75
N2 GDP E . 9.15 1.99 9.12
N3 GDP E . 9.25 3.58 10.80
C4 GDP E . 8.74 4.63 11.48
O1 SRT F . -4.37 10.19 2.71
O11 SRT F . -4.62 9.45 4.73
C1 SRT F . -4.25 9.27 3.55
C2 SRT F . -3.66 7.95 3.12
O2 SRT F . -4.69 6.99 2.91
C3 SRT F . -2.83 8.14 1.83
O3 SRT F . -1.57 8.68 2.22
C4 SRT F . -2.59 6.90 0.99
O4 SRT F . -3.27 5.87 1.19
O41 SRT F . -1.72 6.95 0.10
PB GDP G . -10.37 -9.60 -17.78
O1B GDP G . -10.63 -11.09 -17.65
O2B GDP G . -10.29 -8.98 -16.41
O3B GDP G . -11.51 -8.94 -18.51
O3A GDP G . -9.01 -9.39 -18.60
PA GDP G . -7.75 -8.67 -17.90
O1A GDP G . -6.58 -8.64 -18.85
O2A GDP G . -7.35 -9.42 -16.65
O5' GDP G . -8.30 -7.19 -17.61
C5' GDP G . -7.60 -6.28 -16.78
C4' GDP G . -6.71 -5.33 -17.58
O4' GDP G . -6.18 -4.34 -16.72
C3' GDP G . -5.48 -6.00 -18.16
O3' GDP G . -5.05 -5.21 -19.27
C2' GDP G . -4.46 -5.93 -17.06
O2' GDP G . -3.12 -5.82 -17.54
C1' GDP G . -4.88 -4.70 -16.26
N9 GDP G . -4.89 -5.00 -14.81
C8 GDP G . -5.45 -6.07 -14.20
N7 GDP G . -5.27 -6.03 -12.87
C5 GDP G . -4.58 -4.92 -12.59
C6 GDP G . -4.05 -4.28 -11.38
O6 GDP G . -4.24 -4.81 -10.27
N1 GDP G . -3.38 -3.12 -11.52
C2 GDP G . -3.18 -2.54 -12.71
N2 GDP G . -2.50 -1.37 -12.78
N3 GDP G . -3.64 -3.08 -13.86
C4 GDP G . -4.33 -4.24 -13.87
O1 SRT H . -4.31 -10.81 0.87
O11 SRT H . -4.84 -8.78 1.46
C1 SRT H . -4.00 -9.62 1.09
C2 SRT H . -2.58 -9.13 0.91
O2 SRT H . -2.07 -9.63 -0.32
C3 SRT H . -2.48 -7.60 0.82
O3 SRT H . -3.40 -6.97 1.71
C4 SRT H . -1.05 -7.16 1.07
O4 SRT H . -0.11 -7.66 0.41
O41 SRT H . -0.83 -6.27 1.94
S SO4 I . 8.00 0.97 29.13
O1 SO4 I . 6.96 0.30 29.91
O2 SO4 I . 8.47 2.17 29.81
O3 SO4 I . 9.11 0.05 28.91
O4 SO4 I . 7.46 1.37 27.84
S SO4 J . -19.92 -1.99 -22.64
O1 SO4 J . -21.19 -1.47 -22.12
O2 SO4 J . -19.05 -2.34 -21.52
O3 SO4 J . -20.14 -3.19 -23.44
O4 SO4 J . -19.27 -0.97 -23.44
#